data_8UDV
#
_entry.id   8UDV
#
_cell.length_a   170.664
_cell.length_b   54.513
_cell.length_c   128.718
_cell.angle_alpha   90
_cell.angle_beta   120.22
_cell.angle_gamma   90
#
_symmetry.space_group_name_H-M   'C 1 2 1'
#
loop_
_entity.id
_entity.type
_entity.pdbx_description
1 polymer 'Fibroblast growth factor receptor 3'
2 non-polymer 'SULFATE ION'
3 non-polymer 3-[(6-chloro-1-cyclopropyl-1H-benzimidazol-5-yl)ethynyl]-1-[(3S,5S)-5-(methoxymethyl)-1-(prop-2-enoyl)pyrrolidin-3-yl]-5-(methylamino)-1H-pyrazole-4-carboxamide
4 non-polymer 1,2-ETHANEDIOL
5 water water
#
_entity_poly.entity_id   1
_entity_poly.type   'polypeptide(L)'
_entity_poly.pdbx_seq_one_letter_code
;MSELELPADPKWELSRARLTLGKPLGEGCFGQVVMAEAIGIDKDRAAKPVTVAVKMLKDDATDKDLSDLVSEMEMMKMIG
KHKNIINLLGACTQGGPLYVLMEYAAKGNLREFLRARRSGEEQLTFKDLVSCAYQVARGMEYLASQKCIHRDLAARNVLV
TEDNVMKIADFGLARDVHNLDYYKKTTNGRLPVKWMAPEALFDRVYTHQSDVWSFGVLLWEIFTLGGSPYPGIPVEELFK
LLKEGHRMDKPANCTHDLYMIMRECWHAAPSQRPTFKQLVEDLDRVLTVTSHHHHHH
;
_entity_poly.pdbx_strand_id   A,B,C
#
loop_
_chem_comp.id
_chem_comp.type
_chem_comp.name
_chem_comp.formula
EDO non-polymer 1,2-ETHANEDIOL 'C2 H6 O2'
SO4 non-polymer 'SULFATE ION' 'O4 S -2'
WIQ non-polymer 3-[(6-chloro-1-cyclopropyl-1H-benzimidazol-5-yl)ethynyl]-1-[(3S,5S)-5-(methoxymethyl)-1-(prop-2-enoyl)pyrrolidin-3-yl]-5-(methylamino)-1H-pyrazole-4-carboxamide 'C26 H30 Cl N7 O3'
#
# COMPACT_ATOMS: atom_id res chain seq x y z
N GLU A 5 14.00 -12.20 19.97
CA GLU A 5 14.98 -12.67 19.00
C GLU A 5 14.30 -13.56 17.95
N LEU A 6 14.67 -13.37 16.67
CA LEU A 6 14.09 -14.10 15.55
C LEU A 6 14.70 -15.49 15.29
N PRO A 7 13.89 -16.45 14.80
CA PRO A 7 14.47 -17.71 14.33
C PRO A 7 15.25 -17.48 13.02
N ALA A 8 16.32 -18.25 12.81
CA ALA A 8 17.15 -18.10 11.60
C ALA A 8 16.79 -19.11 10.53
N ASP A 9 16.71 -18.65 9.27
CA ASP A 9 16.47 -19.48 8.09
C ASP A 9 17.82 -19.45 7.37
N PRO A 10 18.72 -20.42 7.63
CA PRO A 10 20.08 -20.34 7.07
C PRO A 10 20.22 -20.06 5.58
N LYS A 11 19.42 -20.69 4.71
CA LYS A 11 19.53 -20.47 3.25
C LYS A 11 19.34 -19.02 2.80
N TRP A 12 18.63 -18.20 3.60
CA TRP A 12 18.40 -16.78 3.28
C TRP A 12 19.28 -15.82 4.09
N GLU A 13 19.98 -16.30 5.13
CA GLU A 13 20.77 -15.44 5.99
C GLU A 13 22.04 -14.90 5.33
N LEU A 14 22.23 -13.57 5.36
CA LEU A 14 23.43 -12.92 4.84
C LEU A 14 24.22 -12.40 6.03
N SER A 15 25.55 -12.56 6.00
CA SER A 15 26.40 -12.05 7.07
C SER A 15 26.33 -10.53 7.10
N ARG A 16 26.30 -9.96 8.30
CA ARG A 16 26.25 -8.50 8.44
C ARG A 16 27.51 -7.82 7.90
N ALA A 17 28.66 -8.52 7.89
CA ALA A 17 29.89 -7.98 7.30
C ALA A 17 29.76 -7.75 5.79
N ARG A 18 28.86 -8.47 5.11
CA ARG A 18 28.62 -8.31 3.68
C ARG A 18 27.70 -7.16 3.33
N LEU A 19 27.05 -6.51 4.30
CA LEU A 19 26.11 -5.43 4.03
C LEU A 19 26.57 -4.08 4.55
N THR A 20 26.53 -3.05 3.69
CA THR A 20 26.84 -1.68 4.05
C THR A 20 25.59 -0.85 3.72
N LEU A 21 24.95 -0.30 4.74
CA LEU A 21 23.74 0.49 4.53
C LEU A 21 24.10 1.86 3.96
N GLY A 22 23.28 2.35 3.05
CA GLY A 22 23.47 3.61 2.36
C GLY A 22 22.35 4.60 2.56
N LYS A 23 22.04 5.38 1.51
CA LYS A 23 21.07 6.45 1.61
C LYS A 23 19.61 6.03 1.51
N PRO A 24 18.70 6.73 2.23
CA PRO A 24 17.27 6.40 2.11
C PRO A 24 16.73 6.53 0.70
N LEU A 25 15.89 5.57 0.26
CA LEU A 25 15.30 5.54 -1.09
C LEU A 25 13.91 6.16 -1.03
N GLY A 26 13.75 7.32 -1.64
CA GLY A 26 12.48 8.05 -1.61
C GLY A 26 12.14 8.48 -0.20
N GLU A 27 10.90 8.21 0.24
CA GLU A 27 10.35 8.55 1.54
C GLU A 27 9.79 7.26 2.22
N GLY A 28 8.48 7.13 2.44
CA GLY A 28 7.87 5.97 3.07
C GLY A 28 6.80 5.31 2.21
N CYS A 29 7.03 5.28 0.88
CA CYS A 29 6.10 4.65 -0.07
C CYS A 29 5.99 3.16 0.26
N PHE A 30 7.13 2.51 0.49
CA PHE A 30 7.21 1.09 0.81
C PHE A 30 7.79 0.82 2.22
N GLY A 31 7.68 1.80 3.12
CA GLY A 31 8.20 1.75 4.48
C GLY A 31 9.57 2.38 4.60
N GLN A 32 10.31 2.01 5.64
CA GLN A 32 11.66 2.51 5.86
C GLN A 32 12.60 1.67 4.99
N VAL A 33 12.93 2.17 3.80
CA VAL A 33 13.74 1.48 2.80
C VAL A 33 14.99 2.31 2.48
N VAL A 34 16.16 1.66 2.48
CA VAL A 34 17.43 2.31 2.16
C VAL A 34 18.14 1.57 1.04
N MET A 35 19.00 2.29 0.32
CA MET A 35 19.87 1.71 -0.69
C MET A 35 21.01 1.05 0.11
N ALA A 36 21.57 -0.07 -0.37
CA ALA A 36 22.65 -0.76 0.34
C ALA A 36 23.53 -1.56 -0.61
N GLU A 37 24.72 -1.97 -0.16
CA GLU A 37 25.63 -2.79 -0.95
C GLU A 37 25.82 -4.11 -0.25
N ALA A 38 25.68 -5.19 -1.00
CA ALA A 38 25.81 -6.54 -0.47
C ALA A 38 26.85 -7.30 -1.28
N ILE A 39 27.96 -7.66 -0.64
CA ILE A 39 29.07 -8.39 -1.26
C ILE A 39 28.72 -9.87 -1.30
N GLY A 40 28.80 -10.47 -2.48
CA GLY A 40 28.55 -11.89 -2.67
C GLY A 40 27.13 -12.31 -3.02
N ILE A 41 26.20 -11.34 -3.19
CA ILE A 41 24.82 -11.66 -3.57
C ILE A 41 24.80 -12.33 -4.95
N ASP A 42 25.57 -11.81 -5.92
CA ASP A 42 25.67 -12.44 -7.24
C ASP A 42 26.61 -13.62 -7.12
N LYS A 43 26.10 -14.83 -7.36
CA LYS A 43 26.88 -16.05 -7.24
C LYS A 43 28.11 -16.13 -8.15
N ASP A 44 27.99 -15.61 -9.37
CA ASP A 44 29.09 -15.63 -10.33
C ASP A 44 30.23 -14.70 -9.94
N ARG A 45 29.94 -13.62 -9.18
CA ARG A 45 30.97 -12.67 -8.75
C ARG A 45 30.95 -12.58 -7.22
N ALA A 46 31.70 -13.46 -6.53
CA ALA A 46 31.76 -13.56 -5.07
C ALA A 46 32.23 -12.29 -4.34
N ALA A 47 33.12 -11.51 -4.96
CA ALA A 47 33.64 -10.30 -4.35
C ALA A 47 32.93 -9.02 -4.78
N LYS A 48 32.01 -9.07 -5.76
CA LYS A 48 31.38 -7.85 -6.27
C LYS A 48 30.32 -7.28 -5.32
N PRO A 49 30.41 -6.01 -4.91
CA PRO A 49 29.30 -5.41 -4.14
C PRO A 49 28.11 -5.15 -5.06
N VAL A 50 26.94 -5.73 -4.73
CA VAL A 50 25.72 -5.57 -5.52
C VAL A 50 24.82 -4.59 -4.79
N THR A 51 24.31 -3.58 -5.50
CA THR A 51 23.38 -2.63 -4.89
C THR A 51 22.03 -3.32 -4.74
N VAL A 52 21.47 -3.26 -3.53
CA VAL A 52 20.20 -3.87 -3.14
C VAL A 52 19.36 -2.81 -2.39
N ALA A 53 18.08 -3.09 -2.19
CA ALA A 53 17.20 -2.23 -1.40
C ALA A 53 16.95 -2.97 -0.08
N VAL A 54 17.06 -2.29 1.07
CA VAL A 54 16.87 -2.92 2.37
C VAL A 54 15.68 -2.31 3.07
N LYS A 55 14.71 -3.15 3.48
CA LYS A 55 13.59 -2.69 4.27
C LYS A 55 13.92 -3.00 5.73
N MET A 56 13.74 -2.01 6.61
CA MET A 56 14.05 -2.14 8.03
C MET A 56 12.98 -1.44 8.89
N LEU A 57 13.08 -1.57 10.20
CA LEU A 57 12.16 -0.92 11.14
C LEU A 57 12.69 0.43 11.57
N LYS A 58 11.76 1.29 12.00
CA LYS A 58 12.12 2.59 12.55
C LYS A 58 12.77 2.40 13.93
N ASP A 59 13.51 3.41 14.40
CA ASP A 59 14.20 3.32 15.69
C ASP A 59 13.25 3.11 16.87
N ASP A 60 11.96 3.49 16.74
CA ASP A 60 10.96 3.32 17.79
C ASP A 60 9.81 2.41 17.35
N ALA A 61 10.13 1.35 16.62
CA ALA A 61 9.13 0.43 16.10
C ALA A 61 8.51 -0.41 17.20
N THR A 62 7.23 -0.77 17.02
CA THR A 62 6.46 -1.58 17.96
C THR A 62 6.63 -3.08 17.63
N ASP A 63 6.20 -3.97 18.55
CA ASP A 63 6.19 -5.41 18.32
C ASP A 63 5.33 -5.75 17.09
N LYS A 64 4.26 -4.99 16.84
CA LYS A 64 3.40 -5.16 15.66
C LYS A 64 4.19 -4.87 14.40
N ASP A 65 4.96 -3.77 14.37
CA ASP A 65 5.78 -3.40 13.22
C ASP A 65 6.79 -4.51 12.89
N LEU A 66 7.40 -5.14 13.90
CA LEU A 66 8.33 -6.24 13.70
C LEU A 66 7.61 -7.46 13.09
N SER A 67 6.49 -7.88 13.69
CA SER A 67 5.71 -9.01 13.18
C SER A 67 5.24 -8.76 11.74
N ASP A 68 4.89 -7.50 11.42
CA ASP A 68 4.49 -7.14 10.06
C ASP A 68 5.63 -7.38 9.07
N LEU A 69 6.85 -6.90 9.40
CA LEU A 69 7.99 -7.08 8.51
C LEU A 69 8.40 -8.56 8.39
N VAL A 70 8.28 -9.35 9.47
CA VAL A 70 8.59 -10.77 9.43
C VAL A 70 7.58 -11.48 8.53
N SER A 71 6.28 -11.22 8.72
CA SER A 71 5.25 -11.83 7.87
C SER A 71 5.42 -11.46 6.40
N GLU A 72 5.86 -10.23 6.12
CA GLU A 72 6.12 -9.79 4.75
C GLU A 72 7.26 -10.61 4.11
N MET A 73 8.35 -10.81 4.86
CA MET A 73 9.50 -11.61 4.45
C MET A 73 9.08 -13.07 4.22
N GLU A 74 8.30 -13.65 5.14
CA GLU A 74 7.83 -15.03 5.02
C GLU A 74 6.87 -15.21 3.85
N MET A 75 6.04 -14.21 3.55
CA MET A 75 5.13 -14.29 2.40
C MET A 75 5.93 -14.23 1.09
N MET A 76 7.03 -13.44 1.06
CA MET A 76 7.95 -13.36 -0.08
C MET A 76 8.55 -14.74 -0.39
N LYS A 77 8.97 -15.46 0.65
CA LYS A 77 9.55 -16.80 0.50
C LYS A 77 8.52 -17.75 -0.09
N MET A 78 7.26 -17.68 0.39
CA MET A 78 6.17 -18.53 -0.07
C MET A 78 5.77 -18.28 -1.53
N ILE A 79 5.69 -17.00 -1.95
CA ILE A 79 5.31 -16.66 -3.33
C ILE A 79 6.34 -17.19 -4.33
N GLY A 80 7.62 -17.06 -4.01
CA GLY A 80 8.68 -17.52 -4.88
C GLY A 80 9.19 -16.44 -5.81
N LYS A 81 10.16 -16.80 -6.66
CA LYS A 81 10.80 -15.87 -7.58
C LYS A 81 10.14 -15.78 -8.95
N HIS A 82 10.20 -14.57 -9.53
CA HIS A 82 9.76 -14.30 -10.90
C HIS A 82 10.45 -13.04 -11.41
N LYS A 83 10.81 -13.00 -12.70
CA LYS A 83 11.52 -11.87 -13.29
C LYS A 83 10.78 -10.52 -13.16
N ASN A 84 9.44 -10.52 -13.26
CA ASN A 84 8.68 -9.28 -13.24
C ASN A 84 8.07 -8.93 -11.88
N ILE A 85 8.69 -9.39 -10.79
CA ILE A 85 8.29 -9.01 -9.42
C ILE A 85 9.57 -8.62 -8.68
N ILE A 86 9.44 -7.79 -7.65
CA ILE A 86 10.59 -7.38 -6.84
C ILE A 86 10.87 -8.57 -5.94
N ASN A 87 12.04 -9.22 -6.09
CA ASN A 87 12.36 -10.44 -5.36
C ASN A 87 13.12 -10.24 -4.07
N LEU A 88 12.93 -11.19 -3.14
CA LEU A 88 13.66 -11.25 -1.88
C LEU A 88 15.04 -11.84 -2.23
N LEU A 89 16.11 -11.23 -1.71
CA LEU A 89 17.48 -11.70 -1.96
C LEU A 89 18.15 -12.29 -0.72
N GLY A 90 17.75 -11.84 0.47
CA GLY A 90 18.33 -12.33 1.70
C GLY A 90 17.81 -11.58 2.91
N ALA A 91 18.42 -11.82 4.07
CA ALA A 91 18.04 -11.16 5.31
C ALA A 91 19.12 -11.25 6.37
N CYS A 92 19.15 -10.27 7.28
CA CYS A 92 20.02 -10.26 8.44
C CYS A 92 19.04 -10.27 9.61
N THR A 93 18.87 -11.44 10.23
CA THR A 93 17.92 -11.66 11.32
C THR A 93 18.61 -11.87 12.68
N GLN A 94 19.86 -12.36 12.70
CA GLN A 94 20.57 -12.67 13.96
C GLN A 94 21.58 -11.58 14.31
N GLY A 95 21.76 -11.35 15.61
CA GLY A 95 22.75 -10.44 16.15
C GLY A 95 22.67 -8.99 15.69
N GLY A 96 21.48 -8.42 15.69
CA GLY A 96 21.30 -7.03 15.30
C GLY A 96 19.92 -6.72 14.76
N PRO A 97 19.70 -5.50 14.23
CA PRO A 97 18.37 -5.18 13.68
C PRO A 97 18.00 -6.00 12.46
N LEU A 98 16.71 -6.24 12.25
CA LEU A 98 16.22 -7.01 11.11
C LEU A 98 16.35 -6.21 9.81
N TYR A 99 17.04 -6.76 8.81
CA TYR A 99 17.19 -6.15 7.50
C TYR A 99 16.71 -7.14 6.46
N VAL A 100 15.72 -6.75 5.64
CA VAL A 100 15.18 -7.61 4.59
C VAL A 100 15.72 -7.09 3.27
N LEU A 101 16.53 -7.90 2.57
CA LEU A 101 17.16 -7.52 1.31
C LEU A 101 16.26 -7.83 0.12
N MET A 102 16.10 -6.84 -0.76
CA MET A 102 15.23 -6.87 -1.95
C MET A 102 16.01 -6.38 -3.18
N GLU A 103 15.54 -6.74 -4.38
CA GLU A 103 16.14 -6.26 -5.63
C GLU A 103 16.02 -4.74 -5.72
N TYR A 104 17.09 -4.10 -6.21
CA TYR A 104 17.15 -2.66 -6.35
C TYR A 104 16.69 -2.29 -7.76
N ALA A 105 15.84 -1.27 -7.85
CA ALA A 105 15.32 -0.76 -9.11
C ALA A 105 15.86 0.64 -9.30
N ALA A 106 16.97 0.76 -10.05
CA ALA A 106 17.67 2.02 -10.28
C ALA A 106 16.84 3.16 -10.87
N LYS A 107 15.87 2.88 -11.74
CA LYS A 107 15.09 3.91 -12.41
C LYS A 107 13.77 4.28 -11.71
N GLY A 108 13.62 3.95 -10.43
CA GLY A 108 12.44 4.30 -9.64
C GLY A 108 11.14 3.67 -10.08
N ASN A 109 10.02 4.26 -9.69
CA ASN A 109 8.71 3.73 -10.05
C ASN A 109 8.35 4.04 -11.50
N LEU A 110 7.43 3.24 -12.06
CA LEU A 110 7.01 3.34 -13.45
C LEU A 110 6.41 4.70 -13.80
N ARG A 111 5.61 5.29 -12.90
CA ARG A 111 5.01 6.61 -13.14
C ARG A 111 6.09 7.67 -13.43
N GLU A 112 7.11 7.78 -12.58
CA GLU A 112 8.18 8.76 -12.75
C GLU A 112 9.05 8.42 -13.95
N PHE A 113 9.33 7.12 -14.19
CA PHE A 113 10.05 6.65 -15.37
C PHE A 113 9.40 7.15 -16.66
N LEU A 114 8.08 7.06 -16.74
CA LEU A 114 7.30 7.49 -17.90
C LEU A 114 7.26 9.02 -18.02
N ARG A 115 7.00 9.74 -16.91
CA ARG A 115 6.92 11.20 -16.90
C ARG A 115 8.23 11.85 -17.33
N ALA A 116 9.36 11.25 -16.93
CA ALA A 116 10.67 11.75 -17.32
C ALA A 116 10.96 11.57 -18.81
N ARG A 117 10.36 10.55 -19.45
CA ARG A 117 10.60 10.22 -20.86
C ARG A 117 9.49 10.70 -21.80
N ARG A 118 8.79 11.77 -21.42
CA ARG A 118 7.77 12.38 -22.27
C ARG A 118 8.39 13.10 -23.48
N SER A 119 9.70 13.43 -23.46
CA SER A 119 10.35 14.03 -24.62
C SER A 119 11.86 13.71 -24.66
N GLY A 120 12.54 14.10 -25.72
CA GLY A 120 13.98 13.92 -25.85
C GLY A 120 14.46 12.62 -26.47
N GLU A 121 15.73 12.29 -26.20
CA GLU A 121 16.40 11.09 -26.69
C GLU A 121 15.78 9.80 -26.18
N GLU A 122 15.43 9.74 -24.88
CA GLU A 122 14.88 8.53 -24.28
C GLU A 122 13.35 8.50 -24.34
N GLN A 123 12.72 9.33 -25.20
CA GLN A 123 11.26 9.33 -25.37
C GLN A 123 10.81 7.95 -25.80
N LEU A 124 9.90 7.37 -25.02
CA LEU A 124 9.48 5.99 -25.22
C LEU A 124 8.67 5.82 -26.49
N THR A 125 8.91 4.72 -27.18
CA THR A 125 8.21 4.40 -28.42
C THR A 125 6.87 3.75 -28.03
N PHE A 126 5.96 3.58 -29.00
CA PHE A 126 4.71 2.87 -28.75
C PHE A 126 4.99 1.42 -28.33
N LYS A 127 5.95 0.75 -29.00
CA LYS A 127 6.35 -0.62 -28.69
C LYS A 127 6.89 -0.73 -27.24
N ASP A 128 7.68 0.26 -26.80
CA ASP A 128 8.22 0.28 -25.43
C ASP A 128 7.10 0.31 -24.39
N LEU A 129 6.02 1.06 -24.67
CA LEU A 129 4.89 1.15 -23.75
C LEU A 129 4.13 -0.17 -23.69
N VAL A 130 3.96 -0.84 -24.84
CA VAL A 130 3.28 -2.14 -24.88
C VAL A 130 4.16 -3.17 -24.14
N SER A 131 5.49 -3.09 -24.28
CA SER A 131 6.41 -3.99 -23.58
C SER A 131 6.31 -3.79 -22.06
N CYS A 132 6.17 -2.53 -21.58
CA CYS A 132 6.00 -2.26 -20.16
C CYS A 132 4.73 -2.93 -19.65
N ALA A 133 3.61 -2.77 -20.38
CA ALA A 133 2.33 -3.37 -20.02
C ALA A 133 2.40 -4.90 -20.02
N TYR A 134 3.06 -5.49 -21.02
CA TYR A 134 3.23 -6.93 -21.15
C TYR A 134 3.99 -7.50 -19.93
N GLN A 135 5.06 -6.81 -19.51
CA GLN A 135 5.86 -7.26 -18.37
C GLN A 135 5.09 -7.18 -17.07
N VAL A 136 4.28 -6.13 -16.87
CA VAL A 136 3.47 -5.98 -15.66
C VAL A 136 2.42 -7.11 -15.65
N ALA A 137 1.78 -7.38 -16.79
CA ALA A 137 0.80 -8.46 -16.91
C ALA A 137 1.42 -9.82 -16.61
N ARG A 138 2.66 -10.07 -17.07
CA ARG A 138 3.36 -11.33 -16.81
C ARG A 138 3.66 -11.52 -15.31
N GLY A 139 4.06 -10.46 -14.64
CA GLY A 139 4.30 -10.50 -13.20
C GLY A 139 3.01 -10.72 -12.44
N MET A 140 1.91 -10.13 -12.90
CA MET A 140 0.60 -10.30 -12.27
C MET A 140 0.04 -11.69 -12.51
N GLU A 141 0.31 -12.30 -13.68
CA GLU A 141 -0.10 -13.66 -13.99
C GLU A 141 0.60 -14.63 -13.02
N TYR A 142 1.89 -14.39 -12.73
CA TYR A 142 2.62 -15.22 -11.78
C TYR A 142 2.04 -15.07 -10.37
N LEU A 143 1.77 -13.83 -9.92
CA LEU A 143 1.21 -13.61 -8.59
C LEU A 143 -0.20 -14.21 -8.45
N ALA A 144 -1.03 -14.14 -9.50
CA ALA A 144 -2.36 -14.74 -9.47
C ALA A 144 -2.25 -16.27 -9.39
N SER A 145 -1.29 -16.87 -10.12
CA SER A 145 -1.07 -18.32 -10.06
C SER A 145 -0.59 -18.74 -8.67
N GLN A 146 0.11 -17.86 -7.94
CA GLN A 146 0.56 -18.13 -6.58
C GLN A 146 -0.46 -17.71 -5.51
N LYS A 147 -1.74 -17.52 -5.89
CA LYS A 147 -2.82 -17.14 -4.97
C LYS A 147 -2.59 -15.81 -4.26
N CYS A 148 -1.92 -14.85 -4.90
CA CYS A 148 -1.63 -13.53 -4.33
C CYS A 148 -2.45 -12.46 -5.02
N ILE A 149 -3.24 -11.71 -4.24
CA ILE A 149 -4.03 -10.58 -4.72
C ILE A 149 -3.27 -9.35 -4.23
N HIS A 150 -2.85 -8.48 -5.15
CA HIS A 150 -2.07 -7.29 -4.84
C HIS A 150 -2.87 -6.27 -4.01
N ARG A 151 -4.12 -5.98 -4.41
CA ARG A 151 -5.05 -5.04 -3.76
C ARG A 151 -4.72 -3.56 -4.01
N ASP A 152 -3.54 -3.21 -4.57
CA ASP A 152 -3.25 -1.82 -4.94
C ASP A 152 -2.30 -1.78 -6.15
N LEU A 153 -2.72 -2.35 -7.29
CA LEU A 153 -1.88 -2.35 -8.48
C LEU A 153 -1.96 -0.97 -9.14
N ALA A 154 -0.79 -0.32 -9.32
CA ALA A 154 -0.66 1.02 -9.87
C ALA A 154 0.76 1.27 -10.38
N ALA A 155 0.98 2.28 -11.26
CA ALA A 155 2.32 2.59 -11.77
C ALA A 155 3.32 2.92 -10.66
N ARG A 156 2.85 3.55 -9.57
CA ARG A 156 3.65 3.86 -8.37
C ARG A 156 4.19 2.56 -7.76
N ASN A 157 3.42 1.45 -7.81
CA ASN A 157 3.83 0.18 -7.23
C ASN A 157 4.51 -0.76 -8.22
N VAL A 158 5.05 -0.24 -9.33
CA VAL A 158 5.81 -1.00 -10.30
C VAL A 158 7.16 -0.30 -10.35
N LEU A 159 8.26 -1.04 -10.18
CA LEU A 159 9.60 -0.48 -10.19
C LEU A 159 10.34 -0.87 -11.47
N VAL A 160 11.22 0.01 -11.95
CA VAL A 160 11.96 -0.19 -13.19
C VAL A 160 13.45 -0.35 -12.88
N THR A 161 14.06 -1.44 -13.36
CA THR A 161 15.48 -1.71 -13.10
C THR A 161 16.39 -0.95 -14.09
N GLU A 162 17.72 -0.97 -13.86
CA GLU A 162 18.70 -0.38 -14.75
C GLU A 162 18.56 -0.94 -16.18
N ASP A 163 18.18 -2.22 -16.34
CA ASP A 163 17.96 -2.86 -17.63
C ASP A 163 16.50 -2.75 -18.13
N ASN A 164 15.71 -1.79 -17.59
CA ASN A 164 14.32 -1.54 -17.97
C ASN A 164 13.38 -2.74 -17.80
N VAL A 165 13.56 -3.52 -16.73
CA VAL A 165 12.69 -4.66 -16.44
C VAL A 165 11.63 -4.13 -15.47
N MET A 166 10.34 -4.39 -15.76
CA MET A 166 9.26 -3.96 -14.89
C MET A 166 9.14 -4.98 -13.77
N LYS A 167 9.06 -4.52 -12.51
CA LYS A 167 8.96 -5.39 -11.35
C LYS A 167 7.87 -4.91 -10.42
N ILE A 168 6.83 -5.72 -10.21
CA ILE A 168 5.73 -5.37 -9.32
C ILE A 168 6.24 -5.36 -7.88
N ALA A 169 5.89 -4.33 -7.11
CA ALA A 169 6.29 -4.15 -5.72
C ALA A 169 5.07 -3.99 -4.83
N ASP A 170 5.24 -4.20 -3.51
CA ASP A 170 4.21 -4.05 -2.49
C ASP A 170 3.09 -5.08 -2.63
N PHE A 171 3.41 -6.32 -3.02
CA PHE A 171 2.39 -7.35 -3.24
C PHE A 171 2.05 -8.22 -2.02
N GLY A 172 3.07 -8.66 -1.30
CA GLY A 172 2.87 -9.54 -0.14
C GLY A 172 2.56 -8.84 1.18
N LEU A 173 2.23 -7.53 1.13
CA LEU A 173 1.92 -6.78 2.33
C LEU A 173 0.51 -7.08 2.84
N ALA A 174 0.27 -6.82 4.13
CA ALA A 174 -1.03 -7.02 4.75
C ALA A 174 -1.82 -5.70 4.73
N ARG A 175 -3.11 -5.75 4.35
CA ARG A 175 -4.00 -4.59 4.30
C ARG A 175 -5.21 -4.86 5.19
N TYR A 183 -11.20 8.67 4.67
CA TYR A 183 -10.41 7.50 4.31
C TYR A 183 -10.23 7.49 2.79
N LYS A 184 -11.34 7.43 2.06
CA LYS A 184 -11.35 7.45 0.60
C LYS A 184 -11.19 8.89 0.04
N LYS A 185 -11.43 9.91 0.87
CA LYS A 185 -11.31 11.34 0.57
C LYS A 185 -9.87 11.84 0.88
N THR A 186 -9.08 11.07 1.67
CA THR A 186 -7.73 11.44 2.07
C THR A 186 -6.74 11.08 0.97
N THR A 187 -5.57 11.73 1.01
CA THR A 187 -4.51 11.50 0.03
C THR A 187 -3.15 11.36 0.70
N ASN A 188 -2.28 10.54 0.11
CA ASN A 188 -0.88 10.39 0.51
C ASN A 188 0.00 10.95 -0.64
N GLY A 189 -0.48 12.01 -1.31
CA GLY A 189 0.04 12.52 -2.58
C GLY A 189 -0.63 11.83 -3.77
N ARG A 190 -1.46 10.78 -3.50
CA ARG A 190 -2.21 9.94 -4.43
C ARG A 190 -3.56 9.57 -3.80
N LEU A 191 -4.59 9.33 -4.63
CA LEU A 191 -5.90 8.87 -4.17
C LEU A 191 -6.04 7.40 -4.59
N PRO A 192 -5.69 6.41 -3.74
CA PRO A 192 -5.79 5.00 -4.18
C PRO A 192 -7.14 4.53 -4.70
N VAL A 193 -8.24 5.21 -4.34
CA VAL A 193 -9.58 4.89 -4.84
C VAL A 193 -9.70 4.89 -6.34
N LYS A 194 -8.90 5.70 -7.03
CA LYS A 194 -8.95 5.80 -8.48
C LYS A 194 -8.45 4.53 -9.20
N TRP A 195 -7.87 3.57 -8.47
CA TRP A 195 -7.41 2.28 -9.00
C TRP A 195 -8.29 1.10 -8.53
N MET A 196 -9.21 1.33 -7.56
CA MET A 196 -10.05 0.27 -7.00
C MET A 196 -11.22 -0.09 -7.88
N ALA A 197 -11.52 -1.40 -7.98
CA ALA A 197 -12.68 -1.88 -8.70
C ALA A 197 -13.94 -1.46 -7.92
N PRO A 198 -15.12 -1.27 -8.56
CA PRO A 198 -16.33 -0.93 -7.79
C PRO A 198 -16.65 -1.90 -6.66
N GLU A 199 -16.49 -3.21 -6.87
CA GLU A 199 -16.77 -4.19 -5.82
C GLU A 199 -15.79 -4.09 -4.65
N ALA A 200 -14.54 -3.72 -4.91
CA ALA A 200 -13.55 -3.52 -3.86
C ALA A 200 -13.83 -2.22 -3.09
N LEU A 201 -14.23 -1.16 -3.82
CA LEU A 201 -14.53 0.14 -3.22
C LEU A 201 -15.80 0.17 -2.39
N PHE A 202 -16.91 -0.32 -2.95
CA PHE A 202 -18.22 -0.28 -2.30
C PHE A 202 -18.53 -1.48 -1.39
N ASP A 203 -17.93 -2.66 -1.61
CA ASP A 203 -18.20 -3.86 -0.80
C ASP A 203 -16.99 -4.45 -0.08
N ARG A 204 -15.78 -3.87 -0.28
CA ARG A 204 -14.54 -4.40 0.29
C ARG A 204 -14.24 -5.82 -0.21
N VAL A 205 -14.64 -6.15 -1.45
CA VAL A 205 -14.41 -7.47 -2.04
C VAL A 205 -13.16 -7.43 -2.90
N TYR A 206 -12.16 -8.23 -2.56
CA TYR A 206 -10.93 -8.29 -3.33
C TYR A 206 -10.75 -9.69 -3.89
N THR A 207 -10.51 -9.76 -5.20
CA THR A 207 -10.28 -10.97 -5.96
C THR A 207 -9.18 -10.70 -7.02
N HIS A 208 -8.74 -11.71 -7.77
CA HIS A 208 -7.80 -11.51 -8.87
C HIS A 208 -8.45 -10.64 -9.96
N GLN A 209 -9.79 -10.69 -10.11
CA GLN A 209 -10.50 -9.88 -11.10
C GLN A 209 -10.59 -8.39 -10.70
N SER A 210 -10.54 -8.05 -9.41
CA SER A 210 -10.47 -6.65 -8.99
C SER A 210 -9.08 -6.08 -9.31
N ASP A 211 -8.02 -6.91 -9.25
CA ASP A 211 -6.67 -6.52 -9.66
C ASP A 211 -6.62 -6.26 -11.18
N VAL A 212 -7.45 -6.96 -11.96
CA VAL A 212 -7.55 -6.77 -13.42
C VAL A 212 -8.09 -5.37 -13.71
N TRP A 213 -9.08 -4.88 -12.93
CA TRP A 213 -9.59 -3.52 -13.06
C TRP A 213 -8.44 -2.52 -12.83
N SER A 214 -7.65 -2.72 -11.75
CA SER A 214 -6.51 -1.88 -11.42
C SER A 214 -5.47 -1.90 -12.54
N PHE A 215 -5.28 -3.05 -13.20
CA PHE A 215 -4.37 -3.19 -14.35
C PHE A 215 -4.85 -2.31 -15.52
N GLY A 216 -6.16 -2.20 -15.71
CA GLY A 216 -6.74 -1.34 -16.74
C GLY A 216 -6.41 0.12 -16.49
N VAL A 217 -6.48 0.54 -15.22
CA VAL A 217 -6.12 1.91 -14.80
C VAL A 217 -4.61 2.10 -15.00
N LEU A 218 -3.81 1.08 -14.70
CA LEU A 218 -2.35 1.10 -14.89
C LEU A 218 -2.02 1.22 -16.38
N LEU A 219 -2.78 0.56 -17.27
CA LEU A 219 -2.60 0.68 -18.73
C LEU A 219 -2.84 2.12 -19.16
N TRP A 220 -3.90 2.76 -18.62
CA TRP A 220 -4.21 4.16 -18.91
C TRP A 220 -3.04 5.05 -18.46
N GLU A 221 -2.42 4.75 -17.30
CA GLU A 221 -1.24 5.45 -16.81
C GLU A 221 -0.07 5.28 -17.77
N ILE A 222 0.15 4.08 -18.30
CA ILE A 222 1.24 3.81 -19.25
C ILE A 222 1.06 4.65 -20.53
N PHE A 223 -0.13 4.60 -21.16
CA PHE A 223 -0.36 5.29 -22.43
C PHE A 223 -0.59 6.80 -22.28
N THR A 224 -0.81 7.33 -21.07
CA THR A 224 -0.79 8.78 -20.82
C THR A 224 0.63 9.23 -20.39
N LEU A 225 1.64 8.30 -20.36
CA LEU A 225 3.01 8.55 -19.96
C LEU A 225 3.10 9.08 -18.53
N GLY A 226 2.45 8.37 -17.62
CA GLY A 226 2.46 8.70 -16.20
C GLY A 226 1.49 9.78 -15.78
N GLY A 227 0.33 9.85 -16.42
CA GLY A 227 -0.73 10.77 -16.05
C GLY A 227 -1.53 10.23 -14.88
N SER A 228 -2.22 11.11 -14.14
CA SER A 228 -3.04 10.72 -12.99
C SER A 228 -4.46 10.36 -13.46
N PRO A 229 -5.08 9.26 -13.00
CA PRO A 229 -6.44 8.93 -13.48
C PRO A 229 -7.53 9.90 -13.07
N TYR A 230 -8.64 9.90 -13.83
CA TYR A 230 -9.81 10.76 -13.61
C TYR A 230 -9.42 12.22 -13.34
N PRO A 231 -8.78 12.92 -14.29
CA PRO A 231 -8.34 14.30 -14.02
C PRO A 231 -9.45 15.29 -13.67
N GLY A 232 -9.25 16.05 -12.60
CA GLY A 232 -10.19 17.08 -12.17
C GLY A 232 -11.50 16.58 -11.60
N ILE A 233 -11.61 15.27 -11.32
CA ILE A 233 -12.84 14.69 -10.79
C ILE A 233 -12.67 14.44 -9.28
N PRO A 234 -13.43 15.09 -8.39
CA PRO A 234 -13.30 14.77 -6.96
C PRO A 234 -13.79 13.34 -6.65
N VAL A 235 -13.32 12.75 -5.54
CA VAL A 235 -13.68 11.36 -5.21
C VAL A 235 -15.18 11.16 -4.97
N GLU A 236 -15.87 12.18 -4.42
CA GLU A 236 -17.31 12.11 -4.19
C GLU A 236 -18.09 11.93 -5.51
N GLU A 237 -17.64 12.58 -6.59
CA GLU A 237 -18.24 12.45 -7.92
C GLU A 237 -17.79 11.18 -8.65
N LEU A 238 -16.64 10.61 -8.29
CA LEU A 238 -16.16 9.37 -8.88
C LEU A 238 -17.09 8.20 -8.55
N PHE A 239 -17.63 8.15 -7.32
CA PHE A 239 -18.54 7.09 -6.89
C PHE A 239 -19.77 7.04 -7.78
N LYS A 240 -20.37 8.22 -8.05
CA LYS A 240 -21.55 8.39 -8.88
C LYS A 240 -21.24 7.99 -10.33
N LEU A 241 -20.14 8.49 -10.88
CA LEU A 241 -19.75 8.26 -12.27
C LEU A 241 -19.49 6.78 -12.58
N LEU A 242 -18.88 6.03 -11.64
CA LEU A 242 -18.62 4.60 -11.87
C LEU A 242 -19.91 3.79 -11.83
N LYS A 243 -20.85 4.13 -10.93
CA LYS A 243 -22.15 3.45 -10.90
C LYS A 243 -22.96 3.74 -12.16
N GLU A 244 -22.85 4.96 -12.71
CA GLU A 244 -23.53 5.33 -13.95
C GLU A 244 -22.91 4.70 -15.21
N GLY A 245 -21.78 4.02 -15.09
CA GLY A 245 -21.11 3.35 -16.20
C GLY A 245 -20.10 4.19 -16.95
N HIS A 246 -19.65 5.30 -16.35
CA HIS A 246 -18.69 6.16 -17.01
C HIS A 246 -17.27 5.69 -16.76
N ARG A 247 -16.43 5.81 -17.79
CA ARG A 247 -15.04 5.37 -17.79
C ARG A 247 -14.14 6.46 -18.36
N MET A 248 -12.84 6.34 -18.12
CA MET A 248 -11.89 7.32 -18.65
C MET A 248 -11.85 7.25 -20.16
N ASP A 249 -11.63 8.40 -20.79
CA ASP A 249 -11.54 8.50 -22.23
C ASP A 249 -10.24 7.88 -22.72
N LYS A 250 -10.19 7.59 -24.00
CA LYS A 250 -9.00 7.00 -24.58
C LYS A 250 -7.80 7.91 -24.40
N PRO A 251 -6.64 7.45 -23.89
CA PRO A 251 -5.48 8.36 -23.83
C PRO A 251 -5.12 8.89 -25.22
N ALA A 252 -4.63 10.13 -25.33
CA ALA A 252 -4.25 10.69 -26.62
C ALA A 252 -3.13 9.87 -27.23
N ASN A 253 -3.26 9.56 -28.52
CA ASN A 253 -2.28 8.80 -29.26
C ASN A 253 -2.34 7.28 -29.01
N CYS A 254 -3.30 6.79 -28.23
CA CYS A 254 -3.45 5.36 -27.97
C CYS A 254 -4.24 4.71 -29.09
N THR A 255 -3.94 3.44 -29.39
CA THR A 255 -4.63 2.71 -30.44
C THR A 255 -5.99 2.20 -29.92
N HIS A 256 -6.89 1.86 -30.84
CA HIS A 256 -8.21 1.32 -30.54
C HIS A 256 -8.11 -0.03 -29.81
N ASP A 257 -7.27 -0.97 -30.31
CA ASP A 257 -7.13 -2.29 -29.69
C ASP A 257 -6.71 -2.23 -28.22
N LEU A 258 -5.77 -1.34 -27.88
CA LEU A 258 -5.32 -1.17 -26.50
C LEU A 258 -6.35 -0.50 -25.61
N TYR A 259 -7.15 0.42 -26.17
CA TYR A 259 -8.24 1.02 -25.43
C TYR A 259 -9.35 0.01 -25.17
N MET A 260 -9.58 -0.93 -26.09
CA MET A 260 -10.57 -1.98 -25.89
C MET A 260 -10.11 -2.93 -24.78
N ILE A 261 -8.78 -3.16 -24.64
CA ILE A 261 -8.25 -3.98 -23.55
C ILE A 261 -8.52 -3.27 -22.21
N MET A 262 -8.29 -1.94 -22.16
CA MET A 262 -8.58 -1.13 -20.96
C MET A 262 -10.07 -1.21 -20.59
N ARG A 263 -10.95 -1.11 -21.61
CA ARG A 263 -12.40 -1.17 -21.41
C ARG A 263 -12.88 -2.56 -20.98
N GLU A 264 -12.20 -3.62 -21.44
CA GLU A 264 -12.51 -4.99 -21.02
C GLU A 264 -12.11 -5.16 -19.55
N CYS A 265 -10.99 -4.57 -19.12
CA CYS A 265 -10.57 -4.59 -17.73
C CYS A 265 -11.59 -3.85 -16.84
N TRP A 266 -12.29 -2.83 -17.37
CA TRP A 266 -13.24 -2.05 -16.62
C TRP A 266 -14.69 -2.48 -16.76
N HIS A 267 -14.96 -3.77 -17.03
CA HIS A 267 -16.34 -4.27 -17.03
C HIS A 267 -16.84 -4.22 -15.59
N ALA A 268 -18.09 -3.79 -15.37
CA ALA A 268 -18.66 -3.76 -14.02
C ALA A 268 -18.77 -5.18 -13.46
N ALA A 269 -19.11 -6.16 -14.32
CA ALA A 269 -19.21 -7.57 -13.93
C ALA A 269 -17.78 -8.15 -13.86
N PRO A 270 -17.26 -8.55 -12.68
CA PRO A 270 -15.87 -9.05 -12.62
C PRO A 270 -15.50 -10.23 -13.51
N SER A 271 -16.38 -11.24 -13.66
CA SER A 271 -16.10 -12.41 -14.50
C SER A 271 -16.03 -12.08 -16.00
N GLN A 272 -16.64 -10.96 -16.42
CA GLN A 272 -16.58 -10.48 -17.80
C GLN A 272 -15.24 -9.81 -18.12
N ARG A 273 -14.43 -9.46 -17.10
CA ARG A 273 -13.10 -8.90 -17.30
C ARG A 273 -12.18 -10.06 -17.72
N PRO A 274 -11.07 -9.81 -18.43
CA PRO A 274 -10.17 -10.92 -18.76
C PRO A 274 -9.30 -11.34 -17.58
N THR A 275 -8.73 -12.53 -17.64
CA THR A 275 -7.80 -13.00 -16.61
C THR A 275 -6.42 -12.44 -16.97
N PHE A 276 -5.45 -12.48 -16.04
CA PHE A 276 -4.09 -12.02 -16.35
C PHE A 276 -3.43 -12.90 -17.41
N LYS A 277 -3.82 -14.19 -17.51
CA LYS A 277 -3.32 -15.07 -18.56
C LYS A 277 -3.80 -14.57 -19.92
N GLN A 278 -5.08 -14.18 -20.02
CA GLN A 278 -5.65 -13.64 -21.25
C GLN A 278 -5.02 -12.29 -21.61
N LEU A 279 -4.73 -11.43 -20.62
CA LEU A 279 -4.09 -10.14 -20.87
C LEU A 279 -2.65 -10.32 -21.40
N VAL A 280 -1.92 -11.34 -20.92
CA VAL A 280 -0.57 -11.64 -21.39
C VAL A 280 -0.65 -12.03 -22.87
N GLU A 281 -1.64 -12.86 -23.24
CA GLU A 281 -1.85 -13.29 -24.62
C GLU A 281 -2.27 -12.11 -25.52
N ASP A 282 -3.14 -11.22 -25.02
CA ASP A 282 -3.59 -10.05 -25.78
C ASP A 282 -2.44 -9.07 -26.04
N LEU A 283 -1.65 -8.76 -25.00
CA LEU A 283 -0.53 -7.82 -25.15
C LEU A 283 0.62 -8.42 -25.96
N ASP A 284 0.83 -9.75 -25.89
CA ASP A 284 1.85 -10.41 -26.71
C ASP A 284 1.46 -10.32 -28.20
N ARG A 285 0.15 -10.42 -28.50
CA ARG A 285 -0.38 -10.33 -29.86
C ARG A 285 -0.19 -8.92 -30.40
N VAL A 286 -0.40 -7.88 -29.57
CA VAL A 286 -0.21 -6.49 -29.96
C VAL A 286 1.30 -6.26 -30.24
N LEU A 287 2.21 -6.80 -29.41
CA LEU A 287 3.65 -6.67 -29.64
C LEU A 287 4.09 -7.35 -30.94
N THR A 288 3.48 -8.48 -31.27
CA THR A 288 3.83 -9.24 -32.48
C THR A 288 3.45 -8.46 -33.74
N VAL A 289 2.23 -7.93 -33.80
CA VAL A 289 1.74 -7.16 -34.94
C VAL A 289 2.47 -5.82 -35.07
N THR A 290 2.46 -5.03 -33.98
CA THR A 290 2.94 -3.66 -33.91
C THR A 290 3.69 -3.46 -32.59
N SER B 2 -6.19 33.40 21.72
CA SER B 2 -5.93 34.34 22.81
C SER B 2 -7.19 34.71 23.59
N GLU B 3 -6.99 35.25 24.79
CA GLU B 3 -8.02 35.54 25.76
C GLU B 3 -8.84 36.79 25.46
N LEU B 4 -8.20 37.79 24.84
CA LEU B 4 -8.86 39.06 24.60
C LEU B 4 -9.87 39.02 23.47
N GLU B 5 -10.96 39.77 23.63
CA GLU B 5 -11.97 39.89 22.60
C GLU B 5 -11.37 40.82 21.57
N LEU B 6 -11.27 40.34 20.33
CA LEU B 6 -10.71 41.08 19.21
C LEU B 6 -11.27 42.49 19.08
N PRO B 7 -10.49 43.49 18.64
CA PRO B 7 -11.09 44.81 18.41
C PRO B 7 -12.07 44.72 17.25
N ALA B 8 -13.16 45.50 17.29
CA ALA B 8 -14.18 45.47 16.24
C ALA B 8 -13.98 46.60 15.24
N ASP B 9 -14.12 46.28 13.94
CA ASP B 9 -14.05 47.23 12.83
C ASP B 9 -15.51 47.27 12.35
N PRO B 10 -16.33 48.20 12.86
CA PRO B 10 -17.77 48.19 12.51
C PRO B 10 -18.16 48.08 11.04
N LYS B 11 -17.49 48.78 10.12
CA LYS B 11 -17.84 48.73 8.69
C LYS B 11 -17.74 47.33 8.06
N TRP B 12 -16.94 46.43 8.64
CA TRP B 12 -16.79 45.06 8.14
C TRP B 12 -17.54 44.02 8.97
N GLU B 13 -18.06 44.38 10.15
CA GLU B 13 -18.71 43.43 11.04
C GLU B 13 -20.08 42.97 10.53
N LEU B 14 -20.28 41.66 10.45
CA LEU B 14 -21.55 41.07 10.05
C LEU B 14 -22.16 40.43 11.29
N SER B 15 -23.48 40.59 11.47
CA SER B 15 -24.16 39.98 12.61
C SER B 15 -24.12 38.46 12.47
N ARG B 16 -23.92 37.76 13.59
CA ARG B 16 -23.85 36.30 13.56
C ARG B 16 -25.20 35.67 13.15
N ALA B 17 -26.33 36.36 13.38
CA ALA B 17 -27.64 35.90 12.96
C ALA B 17 -27.75 35.84 11.42
N ARG B 18 -26.95 36.63 10.69
CA ARG B 18 -26.94 36.63 9.23
C ARG B 18 -26.11 35.51 8.61
N LEU B 19 -25.33 34.76 9.41
CA LEU B 19 -24.46 33.73 8.85
C LEU B 19 -24.86 32.32 9.30
N THR B 20 -24.98 31.41 8.32
CA THR B 20 -25.26 29.99 8.57
C THR B 20 -24.10 29.21 7.96
N LEU B 21 -23.32 28.54 8.81
CA LEU B 21 -22.18 27.78 8.35
C LEU B 21 -22.65 26.49 7.71
N GLY B 22 -21.98 26.10 6.63
CA GLY B 22 -22.31 24.92 5.84
C GLY B 22 -21.21 23.90 5.78
N LYS B 23 -21.07 23.27 4.62
CA LYS B 23 -20.15 22.15 4.45
C LYS B 23 -18.69 22.54 4.20
N PRO B 24 -17.71 21.77 4.71
CA PRO B 24 -16.30 22.10 4.43
C PRO B 24 -15.94 22.10 2.95
N LEU B 25 -15.15 23.08 2.51
CA LEU B 25 -14.70 23.16 1.12
C LEU B 25 -13.32 22.55 1.01
N GLY B 26 -13.19 21.48 0.25
CA GLY B 26 -11.93 20.78 0.09
C GLY B 26 -11.41 20.20 1.40
N GLU B 27 -10.10 20.36 1.66
CA GLU B 27 -9.37 19.90 2.85
C GLU B 27 -8.71 21.12 3.56
N GLY B 28 -7.37 21.26 3.58
CA GLY B 28 -6.68 22.34 4.27
C GLY B 28 -5.69 23.08 3.40
N CYS B 29 -6.01 23.26 2.12
CA CYS B 29 -5.19 24.02 1.17
C CYS B 29 -5.14 25.49 1.57
N PHE B 30 -6.31 26.08 1.86
CA PHE B 30 -6.42 27.46 2.31
C PHE B 30 -6.79 27.55 3.80
N GLY B 31 -6.52 26.50 4.58
CA GLY B 31 -6.85 26.43 6.00
C GLY B 31 -8.21 25.80 6.22
N GLN B 32 -8.84 26.12 7.36
CA GLN B 32 -10.17 25.61 7.71
C GLN B 32 -11.18 26.51 7.02
N VAL B 33 -11.66 26.07 5.85
CA VAL B 33 -12.58 26.86 5.06
C VAL B 33 -13.88 26.10 4.84
N VAL B 34 -15.02 26.75 5.09
CA VAL B 34 -16.34 26.15 4.90
C VAL B 34 -17.20 27.03 3.96
N MET B 35 -18.17 26.39 3.32
CA MET B 35 -19.16 27.09 2.50
C MET B 35 -20.16 27.68 3.52
N ALA B 36 -20.75 28.84 3.24
CA ALA B 36 -21.69 29.47 4.18
C ALA B 36 -22.69 30.37 3.46
N GLU B 37 -23.79 30.73 4.14
CA GLU B 37 -24.79 31.62 3.59
C GLU B 37 -24.85 32.86 4.46
N ALA B 38 -24.80 34.01 3.82
CA ALA B 38 -24.83 35.29 4.50
C ALA B 38 -25.97 36.14 3.96
N ILE B 39 -26.96 36.43 4.81
CA ILE B 39 -28.14 37.22 4.46
C ILE B 39 -27.78 38.71 4.52
N GLY B 40 -28.05 39.43 3.43
CA GLY B 40 -27.80 40.86 3.36
C GLY B 40 -26.45 41.30 2.83
N ILE B 41 -25.58 40.36 2.41
CA ILE B 41 -24.26 40.70 1.85
C ILE B 41 -24.46 41.54 0.56
N ASP B 42 -25.38 41.12 -0.31
CA ASP B 42 -25.69 41.88 -1.52
C ASP B 42 -26.60 43.06 -1.12
N LYS B 43 -26.15 44.30 -1.37
CA LYS B 43 -26.89 45.53 -1.02
C LYS B 43 -28.25 45.64 -1.68
N ASP B 44 -28.34 45.24 -2.94
CA ASP B 44 -29.58 45.34 -3.69
C ASP B 44 -30.65 44.36 -3.19
N ARG B 45 -30.26 43.22 -2.60
CA ARG B 45 -31.21 42.24 -2.08
C ARG B 45 -30.95 41.99 -0.60
N ALA B 46 -31.53 42.82 0.27
CA ALA B 46 -31.34 42.76 1.73
C ALA B 46 -31.71 41.43 2.37
N ALA B 47 -32.69 40.71 1.83
CA ALA B 47 -33.14 39.43 2.38
C ALA B 47 -32.52 38.21 1.69
N LYS B 48 -31.77 38.37 0.59
CA LYS B 48 -31.25 37.22 -0.12
C LYS B 48 -30.04 36.56 0.56
N PRO B 49 -30.09 35.24 0.84
CA PRO B 49 -28.88 34.57 1.35
C PRO B 49 -27.84 34.40 0.24
N VAL B 50 -26.63 34.94 0.41
CA VAL B 50 -25.55 34.87 -0.57
C VAL B 50 -24.56 33.80 -0.12
N THR B 51 -24.16 32.88 -1.01
CA THR B 51 -23.17 31.87 -0.67
C THR B 51 -21.79 32.54 -0.66
N VAL B 52 -21.06 32.35 0.45
CA VAL B 52 -19.73 32.90 0.69
C VAL B 52 -18.82 31.76 1.20
N ALA B 53 -17.51 32.01 1.24
CA ALA B 53 -16.54 31.08 1.82
C ALA B 53 -16.10 31.68 3.15
N VAL B 54 -16.06 30.89 4.22
CA VAL B 54 -15.65 31.37 5.54
C VAL B 54 -14.38 30.66 5.95
N LYS B 55 -13.36 31.42 6.35
CA LYS B 55 -12.13 30.87 6.90
C LYS B 55 -12.24 31.03 8.42
N MET B 56 -11.94 29.96 9.16
CA MET B 56 -12.02 29.95 10.62
C MET B 56 -10.86 29.16 11.21
N LEU B 57 -10.74 29.14 12.54
CA LEU B 57 -9.70 28.39 13.21
C LEU B 57 -10.19 26.98 13.58
N LYS B 58 -9.26 26.03 13.77
CA LYS B 58 -9.63 24.70 14.28
C LYS B 58 -10.04 24.84 15.76
N ASP B 59 -10.71 23.82 16.31
CA ASP B 59 -11.07 23.84 17.73
C ASP B 59 -9.84 23.86 18.66
N ASP B 60 -8.67 23.40 18.17
CA ASP B 60 -7.42 23.39 18.94
C ASP B 60 -6.34 24.27 18.33
N ALA B 61 -6.76 25.43 17.82
CA ALA B 61 -5.82 26.38 17.21
C ALA B 61 -4.97 27.06 18.27
N THR B 62 -3.74 27.42 17.89
CA THR B 62 -2.78 28.09 18.77
C THR B 62 -2.97 29.61 18.69
N ASP B 63 -2.37 30.35 19.63
CA ASP B 63 -2.37 31.82 19.60
C ASP B 63 -1.74 32.34 18.30
N LYS B 64 -0.74 31.61 17.75
CA LYS B 64 -0.12 31.96 16.49
C LYS B 64 -1.13 31.83 15.34
N ASP B 65 -1.92 30.76 15.32
CA ASP B 65 -2.95 30.54 14.29
C ASP B 65 -3.96 31.68 14.30
N LEU B 66 -4.36 32.18 15.49
CA LEU B 66 -5.30 33.30 15.59
C LEU B 66 -4.68 34.58 15.04
N SER B 67 -3.46 34.92 15.48
CA SER B 67 -2.77 36.12 15.01
C SER B 67 -2.56 36.06 13.49
N ASP B 68 -2.28 34.86 12.93
CA ASP B 68 -2.13 34.67 11.50
C ASP B 68 -3.43 35.02 10.77
N LEU B 69 -4.58 34.52 11.24
CA LEU B 69 -5.86 34.79 10.59
C LEU B 69 -6.24 36.28 10.71
N VAL B 70 -5.92 36.92 11.84
CA VAL B 70 -6.22 38.35 12.02
C VAL B 70 -5.36 39.15 11.04
N SER B 71 -4.04 38.87 10.99
CA SER B 71 -3.15 39.58 10.06
C SER B 71 -3.56 39.38 8.61
N GLU B 72 -4.08 38.19 8.25
CA GLU B 72 -4.56 37.91 6.91
C GLU B 72 -5.77 38.81 6.57
N MET B 73 -6.72 38.92 7.51
CA MET B 73 -7.91 39.77 7.37
C MET B 73 -7.51 41.23 7.24
N GLU B 74 -6.57 41.70 8.08
CA GLU B 74 -6.10 43.09 8.06
C GLU B 74 -5.34 43.41 6.78
N MET B 75 -4.60 42.44 6.26
CA MET B 75 -3.86 42.60 5.00
C MET B 75 -4.85 42.70 3.84
N MET B 76 -5.98 41.97 3.87
CA MET B 76 -7.00 42.07 2.83
C MET B 76 -7.74 43.41 2.83
N LYS B 77 -7.89 44.02 4.01
CA LYS B 77 -8.49 45.36 4.10
C LYS B 77 -7.54 46.40 3.49
N MET B 78 -6.23 46.27 3.80
CA MET B 78 -5.17 47.14 3.32
C MET B 78 -5.03 47.10 1.79
N ILE B 79 -5.03 45.88 1.21
CA ILE B 79 -4.88 45.66 -0.22
C ILE B 79 -6.03 46.28 -1.03
N GLY B 80 -7.26 46.11 -0.56
CA GLY B 80 -8.42 46.66 -1.25
C GLY B 80 -9.06 45.67 -2.20
N LYS B 81 -10.10 46.12 -2.91
CA LYS B 81 -10.89 45.26 -3.81
C LYS B 81 -10.44 45.29 -5.28
N HIS B 82 -10.54 44.14 -5.94
CA HIS B 82 -10.26 43.99 -7.36
C HIS B 82 -11.01 42.76 -7.90
N LYS B 83 -11.51 42.84 -9.14
CA LYS B 83 -12.30 41.75 -9.75
C LYS B 83 -11.56 40.41 -9.82
N ASN B 84 -10.25 40.43 -10.08
CA ASN B 84 -9.49 39.18 -10.26
C ASN B 84 -8.72 38.72 -9.02
N ILE B 85 -9.21 39.07 -7.82
CA ILE B 85 -8.65 38.59 -6.55
C ILE B 85 -9.84 38.11 -5.70
N ILE B 86 -9.59 37.21 -4.75
CA ILE B 86 -10.63 36.78 -3.81
C ILE B 86 -10.80 37.93 -2.85
N ASN B 87 -11.99 38.51 -2.81
CA ASN B 87 -12.22 39.67 -1.95
C ASN B 87 -12.79 39.32 -0.59
N LEU B 88 -12.45 40.17 0.39
CA LEU B 88 -12.99 40.10 1.74
C LEU B 88 -14.38 40.72 1.67
N LEU B 89 -15.38 40.06 2.27
CA LEU B 89 -16.76 40.55 2.28
C LEU B 89 -17.22 41.00 3.67
N GLY B 90 -16.66 40.42 4.73
CA GLY B 90 -17.03 40.79 6.09
C GLY B 90 -16.35 39.90 7.12
N ALA B 91 -16.76 40.03 8.39
CA ALA B 91 -16.19 39.24 9.48
C ALA B 91 -17.10 39.23 10.70
N CYS B 92 -17.01 38.15 11.49
CA CYS B 92 -17.68 38.02 12.77
C CYS B 92 -16.52 37.91 13.76
N THR B 93 -16.22 39.01 14.46
CA THR B 93 -15.12 39.09 15.42
C THR B 93 -15.57 39.16 16.87
N GLN B 94 -16.78 39.65 17.16
CA GLN B 94 -17.27 39.82 18.53
C GLN B 94 -18.23 38.71 18.93
N GLY B 95 -18.21 38.34 20.20
CA GLY B 95 -19.13 37.39 20.80
C GLY B 95 -19.17 36.00 20.18
N GLY B 96 -18.01 35.43 19.93
CA GLY B 96 -17.93 34.08 19.37
C GLY B 96 -16.66 33.82 18.58
N PRO B 97 -16.56 32.66 17.90
CA PRO B 97 -15.34 32.39 17.13
C PRO B 97 -15.14 33.34 15.95
N LEU B 98 -13.89 33.58 15.57
CA LEU B 98 -13.58 34.48 14.46
C LEU B 98 -13.92 33.82 13.13
N TYR B 99 -14.75 34.48 12.31
CA TYR B 99 -15.11 34.01 10.98
C TYR B 99 -14.79 35.11 9.98
N VAL B 100 -14.02 34.80 8.94
CA VAL B 100 -13.64 35.77 7.92
C VAL B 100 -14.42 35.40 6.66
N LEU B 101 -15.29 36.29 6.17
CA LEU B 101 -16.12 36.05 4.99
C LEU B 101 -15.40 36.49 3.73
N MET B 102 -15.44 35.65 2.71
CA MET B 102 -14.80 35.93 1.43
C MET B 102 -15.67 35.44 0.28
N GLU B 103 -15.30 35.88 -0.93
CA GLU B 103 -16.05 35.51 -2.12
C GLU B 103 -15.95 34.01 -2.37
N TYR B 104 -17.07 33.40 -2.77
CA TYR B 104 -17.16 31.98 -3.05
C TYR B 104 -16.88 31.72 -4.54
N ALA B 105 -16.04 30.71 -4.81
CA ALA B 105 -15.65 30.31 -6.16
C ALA B 105 -16.23 28.92 -6.42
N ALA B 106 -17.40 28.87 -7.03
CA ALA B 106 -18.13 27.62 -7.27
C ALA B 106 -17.36 26.53 -8.06
N LYS B 107 -16.48 26.90 -9.02
CA LYS B 107 -15.79 25.91 -9.86
C LYS B 107 -14.39 25.50 -9.37
N GLY B 108 -14.11 25.71 -8.09
CA GLY B 108 -12.84 25.30 -7.50
C GLY B 108 -11.59 25.99 -8.04
N ASN B 109 -10.42 25.36 -7.84
CA ASN B 109 -9.16 25.93 -8.29
C ASN B 109 -8.96 25.77 -9.80
N LEU B 110 -8.12 26.63 -10.39
CA LEU B 110 -7.85 26.65 -11.82
C LEU B 110 -7.26 25.35 -12.34
N ARG B 111 -6.36 24.70 -11.59
CA ARG B 111 -5.76 23.43 -11.99
C ARG B 111 -6.83 22.36 -12.26
N GLU B 112 -7.76 22.17 -11.30
CA GLU B 112 -8.82 21.18 -11.44
C GLU B 112 -9.84 21.59 -12.49
N PHE B 113 -10.16 22.89 -12.59
CA PHE B 113 -11.04 23.45 -13.62
C PHE B 113 -10.54 23.06 -15.02
N LEU B 114 -9.23 23.16 -15.25
CA LEU B 114 -8.63 22.83 -16.54
C LEU B 114 -8.52 21.32 -16.77
N ARG B 115 -8.12 20.55 -15.75
CA ARG B 115 -8.01 19.10 -15.87
C ARG B 115 -9.36 18.46 -16.19
N ALA B 116 -10.45 18.99 -15.60
CA ALA B 116 -11.79 18.49 -15.87
C ALA B 116 -12.25 18.77 -17.29
N ARG B 117 -11.77 19.87 -17.91
CA ARG B 117 -12.19 20.28 -19.25
C ARG B 117 -11.21 19.90 -20.36
N ARG B 118 -10.41 18.85 -20.13
CA ARG B 118 -9.52 18.32 -21.16
C ARG B 118 -10.33 17.46 -22.14
N SER B 119 -11.35 16.75 -21.60
CA SER B 119 -12.20 15.81 -22.31
C SER B 119 -13.60 15.78 -21.64
N GLY B 120 -14.57 15.18 -22.32
CA GLY B 120 -15.93 15.09 -21.82
C GLY B 120 -16.86 16.04 -22.56
N GLU B 121 -17.85 16.59 -21.85
CA GLU B 121 -18.86 17.45 -22.46
C GLU B 121 -18.34 18.88 -22.68
N GLU B 122 -17.86 19.52 -21.61
CA GLU B 122 -17.39 20.91 -21.69
C GLU B 122 -15.92 20.98 -22.12
N GLN B 123 -15.62 21.76 -23.18
CA GLN B 123 -14.28 21.93 -23.76
C GLN B 123 -13.87 23.39 -23.68
N LEU B 124 -12.59 23.66 -23.40
CA LEU B 124 -12.08 25.03 -23.46
C LEU B 124 -11.54 25.26 -24.88
N THR B 125 -11.50 26.52 -25.32
CA THR B 125 -10.89 26.92 -26.58
C THR B 125 -9.53 27.59 -26.26
N PHE B 126 -8.68 27.83 -27.27
CA PHE B 126 -7.41 28.52 -27.12
C PHE B 126 -7.64 29.93 -26.53
N LYS B 127 -8.68 30.64 -27.01
CA LYS B 127 -9.05 31.97 -26.53
C LYS B 127 -9.39 31.94 -25.04
N ASP B 128 -10.12 30.91 -24.58
CA ASP B 128 -10.48 30.75 -23.16
C ASP B 128 -9.22 30.65 -22.29
N LEU B 129 -8.18 29.95 -22.76
CA LEU B 129 -6.95 29.79 -22.02
C LEU B 129 -6.18 31.12 -21.93
N VAL B 130 -6.17 31.90 -23.02
CA VAL B 130 -5.51 33.20 -23.03
C VAL B 130 -6.28 34.16 -22.10
N SER B 131 -7.63 34.07 -22.09
CA SER B 131 -8.45 34.88 -21.20
C SER B 131 -8.17 34.55 -19.74
N CYS B 132 -7.97 33.26 -19.39
CA CYS B 132 -7.62 32.85 -18.03
C CYS B 132 -6.30 33.50 -17.62
N ALA B 133 -5.27 33.42 -18.49
CA ALA B 133 -3.96 34.00 -18.24
C ALA B 133 -4.02 35.51 -18.09
N TYR B 134 -4.81 36.19 -18.95
CA TYR B 134 -4.99 37.64 -18.92
C TYR B 134 -5.61 38.07 -17.58
N GLN B 135 -6.62 37.35 -17.09
CA GLN B 135 -7.28 37.68 -15.84
C GLN B 135 -6.36 37.48 -14.64
N VAL B 136 -5.52 36.42 -14.65
CA VAL B 136 -4.57 36.18 -13.56
C VAL B 136 -3.53 37.31 -13.57
N ALA B 137 -3.04 37.70 -14.75
CA ALA B 137 -2.07 38.79 -14.88
C ALA B 137 -2.66 40.12 -14.39
N ARG B 138 -3.94 40.39 -14.67
CA ARG B 138 -4.60 41.61 -14.21
C ARG B 138 -4.72 41.66 -12.69
N GLY B 139 -5.05 40.53 -12.07
CA GLY B 139 -5.12 40.45 -10.62
C GLY B 139 -3.74 40.61 -9.99
N MET B 140 -2.70 40.07 -10.63
CA MET B 140 -1.32 40.19 -10.16
C MET B 140 -0.78 41.61 -10.34
N GLU B 141 -1.20 42.31 -11.40
CA GLU B 141 -0.83 43.71 -11.63
C GLU B 141 -1.40 44.57 -10.50
N TYR B 142 -2.65 44.31 -10.08
CA TYR B 142 -3.26 45.04 -8.98
C TYR B 142 -2.51 44.76 -7.69
N LEU B 143 -2.20 43.49 -7.39
CA LEU B 143 -1.49 43.14 -6.16
C LEU B 143 -0.07 43.74 -6.13
N ALA B 144 0.63 43.77 -7.27
CA ALA B 144 1.97 44.38 -7.33
C ALA B 144 1.87 45.88 -7.10
N SER B 145 0.85 46.54 -7.66
CA SER B 145 0.64 47.97 -7.45
C SER B 145 0.33 48.27 -5.98
N GLN B 146 -0.29 47.32 -5.27
CA GLN B 146 -0.58 47.47 -3.85
C GLN B 146 0.58 46.95 -2.95
N LYS B 147 1.79 46.74 -3.50
CA LYS B 147 2.99 46.25 -2.81
C LYS B 147 2.84 44.86 -2.16
N CYS B 148 2.06 43.97 -2.79
CA CYS B 148 1.81 42.63 -2.28
C CYS B 148 2.55 41.58 -3.13
N ILE B 149 3.37 40.74 -2.48
CA ILE B 149 4.10 39.65 -3.15
C ILE B 149 3.41 38.38 -2.68
N HIS B 150 2.86 37.60 -3.63
CA HIS B 150 2.12 36.36 -3.34
C HIS B 150 3.00 35.29 -2.70
N ARG B 151 4.21 35.06 -3.24
CA ARG B 151 5.20 34.07 -2.80
C ARG B 151 4.90 32.64 -3.24
N ASP B 152 3.68 32.37 -3.73
CA ASP B 152 3.34 31.02 -4.22
C ASP B 152 2.26 31.12 -5.30
N LEU B 153 2.55 31.84 -6.39
CA LEU B 153 1.59 31.98 -7.48
C LEU B 153 1.60 30.70 -8.31
N ALA B 154 0.45 30.03 -8.38
CA ALA B 154 0.27 28.75 -9.07
C ALA B 154 -1.22 28.55 -9.39
N ALA B 155 -1.53 27.70 -10.39
CA ALA B 155 -2.92 27.44 -10.79
C ALA B 155 -3.79 26.96 -9.63
N ARG B 156 -3.21 26.21 -8.69
CA ARG B 156 -3.92 25.74 -7.51
C ARG B 156 -4.36 26.88 -6.54
N ASN B 157 -3.65 28.04 -6.54
CA ASN B 157 -3.99 29.23 -5.76
C ASN B 157 -4.77 30.27 -6.58
N VAL B 158 -5.44 29.85 -7.66
CA VAL B 158 -6.31 30.71 -8.46
C VAL B 158 -7.66 30.00 -8.41
N LEU B 159 -8.73 30.71 -8.05
CA LEU B 159 -10.06 30.14 -7.96
C LEU B 159 -10.94 30.64 -9.09
N VAL B 160 -11.88 29.79 -9.53
CA VAL B 160 -12.76 30.08 -10.67
C VAL B 160 -14.20 30.21 -10.16
N THR B 161 -14.86 31.33 -10.46
CA THR B 161 -16.25 31.56 -10.03
C THR B 161 -17.25 30.88 -10.97
N GLU B 162 -18.55 30.87 -10.59
CA GLU B 162 -19.63 30.35 -11.42
C GLU B 162 -19.65 31.02 -12.81
N ASP B 163 -19.28 32.32 -12.89
CA ASP B 163 -19.20 33.08 -14.15
C ASP B 163 -17.82 33.02 -14.80
N ASN B 164 -16.97 32.03 -14.44
CA ASN B 164 -15.63 31.82 -15.00
C ASN B 164 -14.68 33.02 -14.82
N VAL B 165 -14.75 33.71 -13.68
CA VAL B 165 -13.84 34.82 -13.38
C VAL B 165 -12.68 34.23 -12.58
N MET B 166 -11.44 34.52 -13.00
CA MET B 166 -10.25 34.03 -12.31
C MET B 166 -10.02 34.94 -11.12
N LYS B 167 -9.80 34.38 -9.93
CA LYS B 167 -9.56 35.15 -8.71
C LYS B 167 -8.37 34.59 -7.97
N ILE B 168 -7.30 35.39 -7.82
CA ILE B 168 -6.11 34.97 -7.10
C ILE B 168 -6.45 34.83 -5.62
N ALA B 169 -6.01 33.72 -5.01
CA ALA B 169 -6.25 33.40 -3.61
C ALA B 169 -4.92 33.17 -2.89
N ASP B 170 -4.94 33.17 -1.54
CA ASP B 170 -3.76 32.93 -0.70
C ASP B 170 -2.67 34.00 -0.91
N PHE B 171 -3.06 35.22 -1.30
CA PHE B 171 -2.11 36.32 -1.51
C PHE B 171 -1.76 36.99 -0.18
N GLY B 172 -2.73 37.13 0.71
CA GLY B 172 -2.52 37.71 2.03
C GLY B 172 -2.19 36.70 3.11
N LEU B 173 -1.84 35.45 2.72
CA LEU B 173 -1.53 34.36 3.65
C LEU B 173 -0.23 34.64 4.41
N ALA B 174 -0.30 34.63 5.76
CA ALA B 174 0.87 34.88 6.59
C ALA B 174 1.71 33.60 6.68
N ARG B 175 2.97 33.66 6.21
CA ARG B 175 3.88 32.51 6.26
C ARG B 175 5.33 32.99 6.34
N LYS B 184 11.25 21.53 0.90
CA LYS B 184 11.61 21.59 -0.52
C LYS B 184 11.46 20.21 -1.14
N LYS B 185 12.09 19.20 -0.53
CA LYS B 185 11.96 17.82 -0.98
C LYS B 185 10.69 17.15 -0.38
N THR B 186 10.05 17.77 0.63
CA THR B 186 8.85 17.26 1.26
C THR B 186 7.64 17.60 0.40
N THR B 187 7.00 16.57 -0.15
CA THR B 187 5.84 16.70 -1.03
C THR B 187 4.60 16.90 -0.14
N ASN B 188 3.82 17.98 -0.36
CA ASN B 188 2.52 18.18 0.29
C ASN B 188 1.37 17.56 -0.58
N GLY B 189 1.75 16.70 -1.52
CA GLY B 189 1.03 16.24 -2.70
C GLY B 189 1.45 17.02 -3.94
N ARG B 190 2.08 18.19 -3.75
CA ARG B 190 2.61 19.14 -4.74
C ARG B 190 4.01 19.61 -4.24
N LEU B 191 4.91 20.01 -5.15
CA LEU B 191 6.24 20.49 -4.77
C LEU B 191 6.32 21.98 -5.08
N PRO B 192 6.10 22.90 -4.09
CA PRO B 192 6.11 24.33 -4.41
C PRO B 192 7.39 24.88 -5.02
N VAL B 193 8.52 24.17 -4.83
CA VAL B 193 9.82 24.47 -5.44
C VAL B 193 9.76 24.64 -6.95
N LYS B 194 8.86 23.90 -7.63
CA LYS B 194 8.75 23.96 -9.08
C LYS B 194 8.15 25.28 -9.62
N TRP B 195 7.65 26.16 -8.73
CA TRP B 195 7.12 27.48 -9.07
C TRP B 195 8.05 28.62 -8.59
N MET B 196 9.07 28.31 -7.77
CA MET B 196 9.98 29.33 -7.21
C MET B 196 11.03 29.79 -8.18
N ALA B 197 11.30 31.09 -8.19
CA ALA B 197 12.38 31.67 -8.99
C ALA B 197 13.73 31.21 -8.41
N PRO B 198 14.82 31.12 -9.19
CA PRO B 198 16.12 30.73 -8.60
C PRO B 198 16.56 31.59 -7.41
N GLU B 199 16.37 32.92 -7.48
CA GLU B 199 16.76 33.80 -6.36
C GLU B 199 15.90 33.56 -5.11
N ALA B 200 14.63 33.18 -5.27
CA ALA B 200 13.76 32.87 -4.14
C ALA B 200 14.14 31.51 -3.55
N LEU B 201 14.49 30.55 -4.40
CA LEU B 201 14.86 29.20 -3.98
C LEU B 201 16.22 29.14 -3.26
N PHE B 202 17.26 29.84 -3.76
CA PHE B 202 18.57 29.80 -3.11
C PHE B 202 18.86 30.89 -2.11
N ASP B 203 18.28 32.07 -2.33
CA ASP B 203 18.56 33.21 -1.46
C ASP B 203 17.39 33.59 -0.54
N ARG B 204 16.34 32.73 -0.41
CA ARG B 204 15.18 32.92 0.48
C ARG B 204 14.67 34.37 0.57
N VAL B 205 14.38 34.98 -0.59
CA VAL B 205 13.84 36.34 -0.66
C VAL B 205 12.88 36.41 -1.85
N TYR B 206 11.72 37.07 -1.65
CA TYR B 206 10.68 37.17 -2.67
C TYR B 206 10.43 38.64 -3.05
N THR B 207 10.38 38.96 -4.37
CA THR B 207 10.14 40.29 -4.96
C THR B 207 8.97 40.14 -5.98
N HIS B 208 8.48 41.25 -6.57
CA HIS B 208 7.44 41.15 -7.60
C HIS B 208 7.98 40.42 -8.84
N GLN B 209 9.29 40.51 -9.13
CA GLN B 209 9.90 39.83 -10.28
C GLN B 209 10.04 38.31 -10.06
N SER B 210 10.11 37.84 -8.79
CA SER B 210 10.09 36.40 -8.53
C SER B 210 8.67 35.84 -8.76
N ASP B 211 7.62 36.64 -8.48
CA ASP B 211 6.23 36.28 -8.78
C ASP B 211 6.01 36.17 -10.29
N VAL B 212 6.74 36.95 -11.10
CA VAL B 212 6.67 36.92 -12.56
C VAL B 212 7.18 35.56 -13.05
N TRP B 213 8.25 35.01 -12.44
CA TRP B 213 8.76 33.67 -12.77
C TRP B 213 7.65 32.64 -12.51
N SER B 214 7.00 32.72 -11.34
CA SER B 214 5.91 31.83 -10.95
C SER B 214 4.73 31.95 -11.93
N PHE B 215 4.45 33.16 -12.44
CA PHE B 215 3.41 33.38 -13.44
C PHE B 215 3.74 32.64 -14.74
N GLY B 216 5.02 32.57 -15.11
CA GLY B 216 5.47 31.83 -16.28
C GLY B 216 5.17 30.34 -16.13
N VAL B 217 5.41 29.80 -14.93
CA VAL B 217 5.12 28.39 -14.61
C VAL B 217 3.58 28.20 -14.64
N LEU B 218 2.81 29.17 -14.13
CA LEU B 218 1.35 29.15 -14.15
C LEU B 218 0.83 29.17 -15.59
N LEU B 219 1.46 29.94 -16.49
CA LEU B 219 1.11 29.96 -17.92
C LEU B 219 1.31 28.56 -18.52
N TRP B 220 2.42 27.89 -18.18
CA TRP B 220 2.70 26.53 -18.64
C TRP B 220 1.60 25.57 -18.14
N GLU B 221 1.14 25.76 -16.90
CA GLU B 221 0.04 24.99 -16.33
C GLU B 221 -1.24 25.22 -17.12
N ILE B 222 -1.54 26.47 -17.50
CA ILE B 222 -2.74 26.80 -18.27
C ILE B 222 -2.72 26.08 -19.64
N PHE B 223 -1.62 26.22 -20.40
CA PHE B 223 -1.56 25.65 -21.75
C PHE B 223 -1.30 24.14 -21.77
N THR B 224 -0.93 23.51 -20.65
CA THR B 224 -0.90 22.04 -20.54
C THR B 224 -2.26 21.52 -19.97
N LEU B 225 -3.25 22.41 -19.72
CA LEU B 225 -4.57 22.12 -19.16
C LEU B 225 -4.45 21.46 -17.79
N GLY B 226 -3.68 22.08 -16.90
CA GLY B 226 -3.46 21.62 -15.54
C GLY B 226 -2.38 20.56 -15.37
N GLY B 227 -1.33 20.63 -16.18
CA GLY B 227 -0.22 19.69 -16.09
C GLY B 227 0.74 20.09 -14.99
N SER B 228 1.39 19.12 -14.36
CA SER B 228 2.34 19.40 -13.28
C SER B 228 3.69 19.82 -13.89
N PRO B 229 4.36 20.89 -13.41
CA PRO B 229 5.64 21.28 -14.01
C PRO B 229 6.79 20.29 -13.84
N TYR B 230 7.80 20.38 -14.72
CA TYR B 230 9.00 19.54 -14.74
C TYR B 230 8.66 18.05 -14.56
N PRO B 231 7.92 17.43 -15.50
CA PRO B 231 7.52 16.03 -15.29
C PRO B 231 8.69 15.03 -15.19
N GLY B 232 8.62 14.17 -14.17
CA GLY B 232 9.62 13.12 -13.94
C GLY B 232 10.99 13.60 -13.50
N ILE B 233 11.11 14.86 -13.11
CA ILE B 233 12.40 15.43 -12.67
C ILE B 233 12.40 15.53 -11.15
N PRO B 234 13.29 14.81 -10.41
CA PRO B 234 13.33 15.00 -8.95
C PRO B 234 13.84 16.39 -8.57
N VAL B 235 13.50 16.87 -7.37
CA VAL B 235 13.87 18.23 -6.96
C VAL B 235 15.39 18.43 -6.87
N GLU B 236 16.16 17.38 -6.51
CA GLU B 236 17.62 17.46 -6.44
C GLU B 236 18.22 17.78 -7.80
N GLU B 237 17.67 17.23 -8.89
CA GLU B 237 18.18 17.51 -10.23
C GLU B 237 17.62 18.84 -10.77
N LEU B 238 16.46 19.31 -10.28
CA LEU B 238 15.88 20.59 -10.69
C LEU B 238 16.83 21.74 -10.37
N PHE B 239 17.52 21.68 -9.22
CA PHE B 239 18.46 22.72 -8.81
C PHE B 239 19.59 22.87 -9.84
N LYS B 240 20.18 21.76 -10.26
CA LYS B 240 21.26 21.77 -11.26
C LYS B 240 20.76 22.21 -12.63
N LEU B 241 19.59 21.72 -13.06
CA LEU B 241 19.03 22.07 -14.37
C LEU B 241 18.70 23.56 -14.51
N LEU B 242 18.21 24.21 -13.45
CA LEU B 242 17.90 25.64 -13.52
C LEU B 242 19.18 26.48 -13.57
N LYS B 243 20.23 26.09 -12.82
CA LYS B 243 21.51 26.79 -12.89
C LYS B 243 22.15 26.64 -14.27
N GLU B 244 21.99 25.46 -14.91
CA GLU B 244 22.51 25.21 -16.26
C GLU B 244 21.73 25.93 -17.38
N GLY B 245 20.60 26.56 -17.05
CA GLY B 245 19.79 27.30 -18.01
C GLY B 245 18.70 26.49 -18.68
N HIS B 246 18.35 25.29 -18.16
CA HIS B 246 17.27 24.46 -18.72
C HIS B 246 15.92 25.02 -18.30
N ARG B 247 14.95 24.98 -19.21
CA ARG B 247 13.58 25.40 -18.99
C ARG B 247 12.62 24.35 -19.57
N MET B 248 11.36 24.42 -19.16
CA MET B 248 10.35 23.49 -19.65
C MET B 248 10.11 23.69 -21.14
N ASP B 249 9.80 22.60 -21.84
CA ASP B 249 9.52 22.65 -23.27
C ASP B 249 8.14 23.29 -23.54
N LYS B 250 7.89 23.68 -24.78
CA LYS B 250 6.63 24.32 -25.16
C LYS B 250 5.44 23.37 -25.04
N PRO B 251 4.33 23.74 -24.36
CA PRO B 251 3.17 22.83 -24.33
C PRO B 251 2.58 22.58 -25.72
N ALA B 252 1.96 21.41 -25.89
CA ALA B 252 1.39 21.04 -27.19
C ALA B 252 0.37 22.04 -27.74
N ASN B 253 -0.55 22.56 -26.90
CA ASN B 253 -1.55 23.55 -27.34
C ASN B 253 -1.05 25.01 -27.28
N CYS B 254 0.27 25.24 -27.24
CA CYS B 254 0.81 26.59 -27.11
C CYS B 254 1.39 27.17 -28.41
N THR B 255 1.07 28.45 -28.71
CA THR B 255 1.60 29.16 -29.88
C THR B 255 3.01 29.68 -29.54
N HIS B 256 3.79 30.06 -30.57
CA HIS B 256 5.15 30.52 -30.36
C HIS B 256 5.23 31.81 -29.53
N ASP B 257 4.35 32.78 -29.80
CA ASP B 257 4.31 34.04 -29.06
C ASP B 257 4.06 33.83 -27.57
N LEU B 258 3.15 32.93 -27.19
CA LEU B 258 2.89 32.66 -25.78
C LEU B 258 4.05 31.94 -25.11
N TYR B 259 4.73 31.01 -25.83
CA TYR B 259 5.89 30.34 -25.27
C TYR B 259 7.03 31.34 -25.05
N MET B 260 7.16 32.35 -25.91
CA MET B 260 8.16 33.39 -25.73
C MET B 260 7.84 34.24 -24.49
N ILE B 261 6.55 34.43 -24.16
CA ILE B 261 6.14 35.14 -22.95
C ILE B 261 6.58 34.30 -21.74
N MET B 262 6.35 32.98 -21.77
CA MET B 262 6.78 32.06 -20.71
C MET B 262 8.30 32.14 -20.51
N ARG B 263 9.06 32.15 -21.63
CA ARG B 263 10.53 32.22 -21.60
C ARG B 263 11.05 33.56 -21.10
N GLU B 264 10.32 34.66 -21.37
CA GLU B 264 10.68 35.98 -20.86
C GLU B 264 10.48 36.00 -19.33
N CYS B 265 9.42 35.35 -18.83
CA CYS B 265 9.20 35.25 -17.39
C CYS B 265 10.31 34.43 -16.71
N TRP B 266 10.92 33.48 -17.43
CA TRP B 266 11.96 32.63 -16.87
C TRP B 266 13.40 33.10 -17.16
N HIS B 267 13.64 34.41 -17.26
CA HIS B 267 15.00 34.92 -17.41
C HIS B 267 15.68 34.76 -16.05
N ALA B 268 16.94 34.31 -16.03
CA ALA B 268 17.67 34.16 -14.76
C ALA B 268 17.84 35.51 -14.08
N ALA B 269 18.07 36.58 -14.85
CA ALA B 269 18.21 37.93 -14.32
C ALA B 269 16.80 38.49 -14.04
N PRO B 270 16.42 38.77 -12.78
CA PRO B 270 15.04 39.24 -12.51
C PRO B 270 14.57 40.51 -13.22
N SER B 271 15.44 41.52 -13.39
CA SER B 271 15.07 42.77 -14.07
C SER B 271 14.84 42.57 -15.57
N GLN B 272 15.39 41.49 -16.16
CA GLN B 272 15.17 41.14 -17.57
C GLN B 272 13.77 40.53 -17.78
N ARG B 273 13.07 40.08 -16.72
CA ARG B 273 11.72 39.52 -16.82
C ARG B 273 10.74 40.69 -17.02
N PRO B 274 9.55 40.48 -17.62
CA PRO B 274 8.61 41.61 -17.75
C PRO B 274 7.89 41.90 -16.44
N THR B 275 7.30 43.08 -16.33
CA THR B 275 6.49 43.43 -15.16
C THR B 275 5.08 42.88 -15.41
N PHE B 276 4.24 42.80 -14.38
CA PHE B 276 2.85 42.36 -14.57
C PHE B 276 2.07 43.33 -15.46
N LYS B 277 2.43 44.63 -15.47
CA LYS B 277 1.81 45.59 -16.37
C LYS B 277 2.12 45.23 -17.83
N GLN B 278 3.38 44.86 -18.10
CA GLN B 278 3.81 44.45 -19.45
C GLN B 278 3.14 43.14 -19.86
N LEU B 279 2.98 42.19 -18.92
CA LEU B 279 2.30 40.92 -19.22
C LEU B 279 0.83 41.12 -19.55
N VAL B 280 0.16 42.08 -18.90
CA VAL B 280 -1.24 42.39 -19.18
C VAL B 280 -1.36 42.93 -20.61
N GLU B 281 -0.42 43.81 -21.01
CA GLU B 281 -0.37 44.37 -22.36
C GLU B 281 -0.08 43.29 -23.41
N ASP B 282 0.86 42.37 -23.12
CA ASP B 282 1.21 41.28 -24.02
C ASP B 282 0.03 40.31 -24.22
N LEU B 283 -0.62 39.88 -23.13
CA LEU B 283 -1.74 38.95 -23.23
C LEU B 283 -2.98 39.60 -23.82
N ASP B 284 -3.19 40.91 -23.61
CA ASP B 284 -4.30 41.64 -24.23
C ASP B 284 -4.10 41.68 -25.75
N ARG B 285 -2.86 41.82 -26.21
CA ARG B 285 -2.52 41.86 -27.63
C ARG B 285 -2.78 40.49 -28.26
N VAL B 286 -2.44 39.40 -27.56
CA VAL B 286 -2.69 38.04 -28.06
C VAL B 286 -4.21 37.81 -28.14
N LEU B 287 -4.95 38.27 -27.12
CA LEU B 287 -6.40 38.14 -27.05
C LEU B 287 -7.13 38.98 -28.14
N THR B 288 -6.54 40.09 -28.61
CA THR B 288 -7.08 40.95 -29.67
C THR B 288 -6.90 40.27 -31.03
N VAL B 289 -5.69 39.76 -31.33
CA VAL B 289 -5.39 39.07 -32.59
C VAL B 289 -6.24 37.78 -32.71
N THR B 290 -6.51 37.07 -31.59
CA THR B 290 -7.35 35.86 -31.59
C THR B 290 -8.79 36.21 -31.97
N GLU C 5 -13.57 -3.33 9.83
CA GLU C 5 -13.25 -3.03 8.44
C GLU C 5 -12.16 -3.96 7.93
N LEU C 6 -12.55 -5.13 7.41
CA LEU C 6 -11.61 -6.13 6.90
C LEU C 6 -11.87 -6.42 5.41
N PRO C 7 -10.85 -6.68 4.55
CA PRO C 7 -11.16 -7.00 3.14
C PRO C 7 -11.73 -8.42 2.99
N ALA C 8 -12.66 -8.62 2.06
CA ALA C 8 -13.32 -9.91 1.89
C ALA C 8 -12.72 -10.74 0.76
N ASP C 9 -12.54 -12.05 1.00
CA ASP C 9 -12.09 -13.04 0.02
C ASP C 9 -13.35 -13.89 -0.23
N PRO C 10 -14.17 -13.54 -1.23
CA PRO C 10 -15.45 -14.24 -1.41
C PRO C 10 -15.47 -15.76 -1.40
N LYS C 11 -14.51 -16.43 -2.06
CA LYS C 11 -14.48 -17.90 -2.11
C LYS C 11 -14.36 -18.58 -0.74
N TRP C 12 -13.82 -17.88 0.28
CA TRP C 12 -13.69 -18.42 1.63
C TRP C 12 -14.76 -17.88 2.60
N GLU C 13 -15.52 -16.86 2.24
CA GLU C 13 -16.49 -16.23 3.13
C GLU C 13 -17.72 -17.09 3.41
N LEU C 14 -18.03 -17.30 4.70
CA LEU C 14 -19.21 -18.02 5.12
C LEU C 14 -20.19 -17.03 5.75
N SER C 15 -21.49 -17.16 5.43
CA SER C 15 -22.50 -16.28 6.03
C SER C 15 -22.57 -16.53 7.52
N ARG C 16 -22.75 -15.47 8.30
CA ARG C 16 -22.85 -15.59 9.75
C ARG C 16 -24.10 -16.37 10.18
N ALA C 17 -25.16 -16.37 9.37
CA ALA C 17 -26.37 -17.14 9.65
C ALA C 17 -26.10 -18.67 9.63
N ARG C 18 -25.06 -19.11 8.91
CA ARG C 18 -24.69 -20.52 8.84
C ARG C 18 -23.84 -21.00 10.02
N LEU C 19 -23.37 -20.08 10.89
CA LEU C 19 -22.51 -20.47 12.01
C LEU C 19 -23.15 -20.24 13.37
N THR C 20 -23.11 -21.27 14.22
CA THR C 20 -23.59 -21.20 15.59
C THR C 20 -22.41 -21.53 16.48
N LEU C 21 -21.93 -20.56 17.27
CA LEU C 21 -20.79 -20.79 18.15
C LEU C 21 -21.23 -21.62 19.35
N GLY C 22 -20.36 -22.53 19.77
CA GLY C 22 -20.61 -23.45 20.86
C GLY C 22 -19.63 -23.32 22.02
N LYS C 23 -19.20 -24.47 22.57
CA LYS C 23 -18.35 -24.57 23.76
C LYS C 23 -16.86 -24.28 23.54
N PRO C 24 -16.14 -23.52 24.41
CA PRO C 24 -14.68 -23.39 24.20
C PRO C 24 -13.96 -24.73 24.22
N LEU C 25 -12.97 -24.93 23.32
CA LEU C 25 -12.20 -26.16 23.27
C LEU C 25 -10.89 -25.99 24.05
N GLU C 27 -8.29 -24.46 26.61
CA GLU C 27 -7.67 -23.30 27.25
C GLU C 27 -7.08 -22.38 26.13
N GLY C 28 -5.77 -22.14 26.09
CA GLY C 28 -5.12 -21.31 25.09
C GLY C 28 -3.96 -21.98 24.38
N CYS C 29 -4.02 -23.31 24.15
CA CYS C 29 -2.96 -24.04 23.43
C CYS C 29 -2.80 -23.46 22.01
N PHE C 30 -3.92 -23.35 21.29
CA PHE C 30 -3.98 -22.82 19.92
C PHE C 30 -4.71 -21.46 19.87
N GLY C 31 -4.73 -20.71 20.98
CA GLY C 31 -5.41 -19.42 21.08
C GLY C 31 -6.83 -19.59 21.57
N GLN C 32 -7.71 -18.63 21.28
CA GLN C 32 -9.12 -18.74 21.69
C GLN C 32 -9.84 -19.56 20.63
N VAL C 33 -10.09 -20.84 20.94
CA VAL C 33 -10.69 -21.80 20.01
C VAL C 33 -12.01 -22.33 20.58
N VAL C 34 -13.07 -22.32 19.76
CA VAL C 34 -14.42 -22.69 20.17
C VAL C 34 -15.01 -23.72 19.21
N MET C 35 -15.79 -24.69 19.74
CA MET C 35 -16.47 -25.67 18.92
C MET C 35 -17.64 -24.92 18.27
N ALA C 36 -18.02 -25.25 17.02
CA ALA C 36 -19.11 -24.54 16.34
C ALA C 36 -19.78 -25.43 15.29
N GLU C 37 -20.99 -25.06 14.86
CA GLU C 37 -21.77 -25.78 13.87
C GLU C 37 -21.89 -24.90 12.62
N ALA C 38 -21.52 -25.41 11.43
CA ALA C 38 -21.57 -24.65 10.19
C ALA C 38 -22.42 -25.38 9.15
N ILE C 39 -23.56 -24.79 8.78
CA ILE C 39 -24.49 -25.38 7.80
C ILE C 39 -23.99 -25.08 6.39
N GLY C 40 -23.85 -26.11 5.57
CA GLY C 40 -23.41 -25.96 4.19
C GLY C 40 -21.93 -26.08 3.91
N ILE C 41 -21.11 -26.37 4.94
CA ILE C 41 -19.66 -26.53 4.76
C ILE C 41 -19.38 -27.71 3.82
N ASP C 42 -20.08 -28.84 4.05
CA ASP C 42 -19.93 -29.98 3.15
C ASP C 42 -20.70 -29.59 1.89
N LYS C 43 -19.96 -29.26 0.83
CA LYS C 43 -20.51 -28.78 -0.44
C LYS C 43 -21.53 -29.76 -1.03
N ASP C 44 -21.33 -31.09 -0.86
CA ASP C 44 -22.26 -32.09 -1.40
C ASP C 44 -23.59 -32.13 -0.64
N ARG C 45 -23.58 -31.71 0.65
CA ARG C 45 -24.75 -31.66 1.50
C ARG C 45 -24.97 -30.26 2.01
N ALA C 46 -25.81 -29.52 1.30
CA ALA C 46 -26.09 -28.12 1.58
C ALA C 46 -26.78 -27.83 2.92
N ALA C 47 -27.64 -28.71 3.42
CA ALA C 47 -28.36 -28.46 4.67
C ALA C 47 -27.73 -29.08 5.92
N LYS C 48 -26.67 -29.88 5.79
CA LYS C 48 -26.07 -30.58 6.92
C LYS C 48 -25.24 -29.70 7.87
N PRO C 49 -25.57 -29.58 9.19
CA PRO C 49 -24.66 -28.83 10.08
C PRO C 49 -23.39 -29.63 10.34
N VAL C 50 -22.22 -29.08 10.01
CA VAL C 50 -20.92 -29.75 10.20
C VAL C 50 -20.24 -29.12 11.41
N THR C 51 -19.74 -29.95 12.35
CA THR C 51 -19.02 -29.42 13.51
C THR C 51 -17.63 -28.99 13.03
N VAL C 52 -17.23 -27.76 13.37
CA VAL C 52 -15.95 -27.14 13.00
C VAL C 52 -15.32 -26.50 14.26
N ALA C 53 -14.05 -26.11 14.19
CA ALA C 53 -13.36 -25.39 15.25
C ALA C 53 -13.18 -23.97 14.77
N VAL C 54 -13.46 -22.98 15.61
CA VAL C 54 -13.37 -21.57 15.24
C VAL C 54 -12.30 -20.91 16.07
N LYS C 55 -11.33 -20.27 15.42
CA LYS C 55 -10.33 -19.48 16.13
C LYS C 55 -10.81 -18.03 16.03
N MET C 56 -10.83 -17.33 17.16
CA MET C 56 -11.29 -15.95 17.25
C MET C 56 -10.40 -15.15 18.19
N LEU C 57 -10.63 -13.83 18.28
CA LEU C 57 -9.86 -12.98 19.17
C LEU C 57 -10.49 -12.89 20.55
N LYS C 58 -9.64 -12.59 21.54
CA LYS C 58 -10.07 -12.38 22.90
C LYS C 58 -10.87 -11.08 22.99
N ASP C 59 -11.68 -10.94 24.04
CA ASP C 59 -12.53 -9.77 24.22
C ASP C 59 -11.71 -8.46 24.31
N ASP C 60 -10.43 -8.53 24.71
CA ASP C 60 -9.57 -7.34 24.82
C ASP C 60 -8.36 -7.44 23.90
N ALA C 61 -8.56 -7.95 22.68
CA ALA C 61 -7.48 -8.13 21.74
C ALA C 61 -6.94 -6.82 21.17
N THR C 62 -5.63 -6.80 20.89
CA THR C 62 -4.93 -5.65 20.34
C THR C 62 -4.93 -5.71 18.80
N ASP C 63 -4.56 -4.59 18.13
CA ASP C 63 -4.40 -4.55 16.67
C ASP C 63 -3.38 -5.59 16.21
N LYS C 64 -2.34 -5.87 17.02
CA LYS C 64 -1.34 -6.90 16.73
C LYS C 64 -2.00 -8.28 16.72
N ASP C 65 -2.85 -8.57 17.70
CA ASP C 65 -3.55 -9.86 17.78
C ASP C 65 -4.43 -10.08 16.53
N LEU C 66 -5.09 -9.02 16.04
CA LEU C 66 -5.90 -9.11 14.82
C LEU C 66 -5.02 -9.41 13.60
N SER C 67 -3.93 -8.64 13.41
CA SER C 67 -3.01 -8.85 12.29
C SER C 67 -2.39 -10.25 12.35
N ASP C 68 -2.11 -10.78 13.55
CA ASP C 68 -1.59 -12.13 13.72
C ASP C 68 -2.59 -13.16 13.20
N LEU C 69 -3.87 -13.05 13.59
CA LEU C 69 -4.89 -14.00 13.15
C LEU C 69 -5.13 -13.90 11.64
N VAL C 70 -5.08 -12.69 11.06
CA VAL C 70 -5.25 -12.50 9.62
C VAL C 70 -4.09 -13.17 8.88
N SER C 71 -2.84 -12.90 9.32
CA SER C 71 -1.66 -13.52 8.70
C SER C 71 -1.69 -15.04 8.79
N GLU C 72 -2.21 -15.58 9.90
CA GLU C 72 -2.35 -17.03 10.08
C GLU C 72 -3.33 -17.60 9.05
N MET C 73 -4.48 -16.94 8.85
CA MET C 73 -5.50 -17.33 7.87
C MET C 73 -4.91 -17.25 6.45
N GLU C 74 -4.19 -16.18 6.13
CA GLU C 74 -3.58 -16.00 4.80
C GLU C 74 -2.48 -17.04 4.54
N MET C 75 -1.74 -17.44 5.58
CA MET C 75 -0.70 -18.48 5.47
C MET C 75 -1.33 -19.85 5.20
N MET C 76 -2.49 -20.10 5.81
CA MET C 76 -3.27 -21.31 5.61
C MET C 76 -3.70 -21.43 4.14
N LYS C 77 -4.17 -20.33 3.54
CA LYS C 77 -4.61 -20.30 2.14
C LYS C 77 -3.40 -20.61 1.24
N MET C 78 -2.23 -20.04 1.53
CA MET C 78 -1.00 -20.25 0.76
C MET C 78 -0.47 -21.68 0.83
N ILE C 79 -0.46 -22.31 2.01
CA ILE C 79 0.04 -23.67 2.18
C ILE C 79 -0.82 -24.68 1.39
N GLY C 80 -2.14 -24.50 1.42
CA GLY C 80 -3.04 -25.38 0.69
C GLY C 80 -3.55 -26.53 1.56
N LYS C 81 -4.36 -27.39 0.95
CA LYS C 81 -5.00 -28.50 1.65
C LYS C 81 -4.20 -29.81 1.60
N HIS C 82 -4.32 -30.59 2.67
CA HIS C 82 -3.77 -31.93 2.77
C HIS C 82 -4.53 -32.72 3.86
N LYS C 83 -4.74 -34.01 3.66
CA LYS C 83 -5.47 -34.86 4.59
C LYS C 83 -4.89 -34.90 6.02
N ASN C 84 -3.56 -34.88 6.15
CA ASN C 84 -2.93 -34.98 7.47
C ASN C 84 -2.49 -33.66 8.08
N ILE C 85 -3.26 -32.61 7.77
CA ILE C 85 -3.08 -31.22 8.23
C ILE C 85 -4.43 -30.71 8.71
N ILE C 86 -4.45 -29.83 9.73
CA ILE C 86 -5.70 -29.17 10.15
C ILE C 86 -5.95 -28.13 9.05
N ASN C 87 -7.02 -28.30 8.26
CA ASN C 87 -7.31 -27.40 7.13
C ASN C 87 -8.22 -26.24 7.45
N LEU C 88 -8.05 -25.15 6.67
CA LEU C 88 -8.92 -23.98 6.74
C LEU C 88 -10.17 -24.35 5.95
N LEU C 89 -11.35 -24.05 6.51
CA LEU C 89 -12.62 -24.34 5.84
C LEU C 89 -13.38 -23.09 5.41
N GLY C 90 -13.17 -21.97 6.08
CA GLY C 90 -13.85 -20.73 5.75
C GLY C 90 -13.55 -19.63 6.73
N ALA C 91 -14.27 -18.51 6.62
CA ALA C 91 -14.09 -17.39 7.52
C ALA C 91 -15.28 -16.44 7.48
N CYS C 92 -15.51 -15.74 8.60
CA CYS C 92 -16.50 -14.68 8.71
C CYS C 92 -15.67 -13.44 9.00
N THR C 93 -15.47 -12.62 7.98
CA THR C 93 -14.64 -11.42 8.07
C THR C 93 -15.46 -10.11 8.02
N GLN C 94 -16.68 -10.15 7.48
CA GLN C 94 -17.49 -8.94 7.27
C GLN C 94 -18.67 -8.86 8.23
N GLY C 95 -18.97 -7.66 8.67
CA GLY C 95 -20.11 -7.38 9.56
C GLY C 95 -20.09 -8.07 10.89
N GLY C 96 -18.95 -8.06 11.59
CA GLY C 96 -18.86 -8.68 12.90
C GLY C 96 -17.46 -9.13 13.27
N PRO C 97 -17.29 -9.85 14.39
CA PRO C 97 -15.94 -10.31 14.76
C PRO C 97 -15.36 -11.32 13.78
N LEU C 98 -14.03 -11.35 13.67
CA LEU C 98 -13.35 -12.28 12.77
C LEU C 98 -13.39 -13.71 13.32
N TYR C 99 -13.92 -14.65 12.52
CA TYR C 99 -13.98 -16.06 12.89
C TYR C 99 -13.28 -16.85 11.79
N VAL C 100 -12.24 -17.62 12.14
CA VAL C 100 -11.50 -18.43 11.18
C VAL C 100 -11.94 -19.87 11.41
N LEU C 101 -12.57 -20.49 10.41
CA LEU C 101 -13.08 -21.86 10.50
C LEU C 101 -12.03 -22.88 10.12
N MET C 102 -11.86 -23.89 10.98
CA MET C 102 -10.87 -24.95 10.85
C MET C 102 -11.55 -26.31 11.04
N GLU C 103 -10.91 -27.38 10.56
CA GLU C 103 -11.42 -28.74 10.76
C GLU C 103 -11.44 -29.09 12.24
N TYR C 104 -12.49 -29.78 12.67
CA TYR C 104 -12.67 -30.17 14.06
C TYR C 104 -12.08 -31.56 14.27
N ALA C 105 -11.32 -31.73 15.36
CA ALA C 105 -10.71 -32.99 15.74
C ALA C 105 -11.35 -33.47 17.03
N ALA C 106 -12.36 -34.33 16.90
CA ALA C 106 -13.16 -34.83 18.03
C ALA C 106 -12.38 -35.51 19.15
N LYS C 107 -11.29 -36.21 18.85
CA LYS C 107 -10.54 -36.96 19.86
C LYS C 107 -9.34 -36.20 20.47
N GLY C 108 -9.31 -34.88 20.37
CA GLY C 108 -8.26 -34.06 20.96
C GLY C 108 -6.87 -34.26 20.40
N ASN C 109 -5.85 -33.86 21.18
CA ASN C 109 -4.46 -34.01 20.74
C ASN C 109 -3.98 -35.46 20.85
N LEU C 110 -2.94 -35.81 20.07
CA LEU C 110 -2.39 -37.15 20.01
C LEU C 110 -1.86 -37.65 21.36
N ARG C 111 -1.28 -36.78 22.18
CA ARG C 111 -0.77 -37.19 23.49
C ARG C 111 -1.90 -37.72 24.38
N GLU C 112 -3.01 -36.98 24.47
CA GLU C 112 -4.14 -37.39 25.29
C GLU C 112 -4.83 -38.60 24.71
N PHE C 113 -4.93 -38.68 23.38
CA PHE C 113 -5.47 -39.83 22.66
C PHE C 113 -4.71 -41.11 23.02
N LEU C 114 -3.39 -41.02 23.09
CA LEU C 114 -2.53 -42.16 23.41
C LEU C 114 -2.62 -42.55 24.89
N ARG C 115 -2.58 -41.59 25.83
CA ARG C 115 -2.71 -41.87 27.26
C ARG C 115 -4.07 -42.46 27.60
N ALA C 116 -5.13 -42.03 26.90
CA ALA C 116 -6.46 -42.58 27.09
C ALA C 116 -6.54 -44.03 26.64
N ARG C 117 -5.73 -44.43 25.65
CA ARG C 117 -5.75 -45.79 25.10
C ARG C 117 -4.59 -46.68 25.55
N ARG C 118 -4.09 -46.46 26.78
CA ARG C 118 -3.13 -47.37 27.43
C ARG C 118 -3.85 -48.61 27.97
N SER C 119 -5.17 -48.51 28.19
CA SER C 119 -6.09 -49.55 28.64
C SER C 119 -7.48 -49.29 27.99
N GLY C 120 -8.41 -50.23 28.11
CA GLY C 120 -9.76 -50.04 27.60
C GLY C 120 -10.08 -50.61 26.23
N GLU C 121 -11.26 -50.24 25.73
CA GLU C 121 -11.81 -50.69 24.44
C GLU C 121 -11.03 -50.25 23.20
N GLU C 122 -10.54 -49.01 23.16
CA GLU C 122 -9.79 -48.51 22.01
C GLU C 122 -8.27 -48.64 22.21
N GLN C 123 -7.82 -49.61 23.02
CA GLN C 123 -6.40 -49.86 23.29
C GLN C 123 -5.66 -50.08 21.97
N LEU C 124 -4.60 -49.30 21.75
CA LEU C 124 -3.90 -49.29 20.48
C LEU C 124 -3.00 -50.48 20.22
N THR C 125 -3.05 -51.00 18.98
CA THR C 125 -2.23 -52.12 18.52
C THR C 125 -0.88 -51.53 18.07
N PHE C 126 0.12 -52.39 17.84
CA PHE C 126 1.41 -51.94 17.32
C PHE C 126 1.22 -51.29 15.93
N LYS C 127 0.39 -51.91 15.08
CA LYS C 127 0.09 -51.40 13.75
C LYS C 127 -0.57 -50.01 13.81
N ASP C 128 -1.49 -49.80 14.77
CA ASP C 128 -2.15 -48.50 14.96
C ASP C 128 -1.13 -47.40 15.28
N LEU C 129 -0.10 -47.71 16.07
CA LEU C 129 0.93 -46.74 16.43
C LEU C 129 1.79 -46.39 15.22
N VAL C 130 2.13 -47.40 14.38
CA VAL C 130 2.91 -47.16 13.18
C VAL C 130 2.06 -46.32 12.20
N SER C 131 0.75 -46.58 12.12
CA SER C 131 -0.14 -45.82 11.25
C SER C 131 -0.21 -44.36 11.70
N CYS C 132 -0.22 -44.09 13.03
CA CYS C 132 -0.22 -42.72 13.55
C CYS C 132 1.06 -42.00 13.10
N ALA C 133 2.22 -42.66 13.26
CA ALA C 133 3.51 -42.10 12.86
C ALA C 133 3.57 -41.83 11.36
N TYR C 134 3.08 -42.78 10.55
CA TYR C 134 3.05 -42.66 9.09
C TYR C 134 2.23 -41.44 8.65
N GLN C 135 1.06 -41.23 9.28
CA GLN C 135 0.21 -40.10 8.93
C GLN C 135 0.83 -38.77 9.32
N VAL C 136 1.52 -38.69 10.47
CA VAL C 136 2.19 -37.45 10.88
C VAL C 136 3.32 -37.16 9.89
N ALA C 137 4.10 -38.19 9.51
CA ALA C 137 5.17 -38.04 8.54
C ALA C 137 4.65 -37.57 7.18
N ARG C 138 3.49 -38.07 6.74
CA ARG C 138 2.89 -37.66 5.46
C ARG C 138 2.47 -36.19 5.48
N GLY C 139 1.90 -35.74 6.60
CA GLY C 139 1.53 -34.35 6.75
C GLY C 139 2.74 -33.44 6.80
N MET C 140 3.82 -33.89 7.44
CA MET C 140 5.07 -33.14 7.51
C MET C 140 5.79 -33.09 6.16
N GLU C 141 5.68 -34.16 5.35
CA GLU C 141 6.25 -34.20 4.00
C GLU C 141 5.55 -33.13 3.15
N TYR C 142 4.23 -33.00 3.27
CA TYR C 142 3.47 -31.99 2.54
C TYR C 142 3.89 -30.58 2.97
N LEU C 143 3.99 -30.33 4.29
CA LEU C 143 4.38 -29.01 4.79
C LEU C 143 5.81 -28.65 4.38
N ALA C 144 6.75 -29.62 4.37
CA ALA C 144 8.12 -29.37 3.94
C ALA C 144 8.14 -29.04 2.44
N SER C 145 7.33 -29.73 1.62
CA SER C 145 7.23 -29.44 0.19
C SER C 145 6.65 -28.05 -0.05
N GLN C 146 5.79 -27.55 0.86
CA GLN C 146 5.24 -26.21 0.76
C GLN C 146 6.10 -25.15 1.45
N LYS C 147 7.39 -25.44 1.73
CA LYS C 147 8.33 -24.50 2.36
C LYS C 147 7.89 -24.05 3.76
N CYS C 148 7.21 -24.91 4.51
CA CYS C 148 6.73 -24.60 5.86
C CYS C 148 7.52 -25.40 6.91
N ILE C 149 8.16 -24.69 7.86
CA ILE C 149 8.89 -25.30 8.97
C ILE C 149 7.98 -25.11 10.18
N HIS C 150 7.59 -26.19 10.84
CA HIS C 150 6.70 -26.14 12.01
C HIS C 150 7.36 -25.42 13.20
N ARG C 151 8.60 -25.79 13.55
CA ARG C 151 9.37 -25.22 14.68
C ARG C 151 8.93 -25.75 16.07
N ASP C 152 7.79 -26.48 16.19
CA ASP C 152 7.39 -27.10 17.45
C ASP C 152 6.57 -28.36 17.20
N LEU C 153 7.19 -29.35 16.56
CA LEU C 153 6.47 -30.60 16.27
C LEU C 153 6.50 -31.50 17.49
N ALA C 154 5.32 -31.82 18.03
CA ALA C 154 5.14 -32.67 19.21
C ALA C 154 3.73 -33.29 19.19
N ALA C 155 3.48 -34.35 19.98
CA ALA C 155 2.17 -34.99 20.03
C ALA C 155 1.07 -34.00 20.42
N ARG C 156 1.36 -33.03 21.29
CA ARG C 156 0.40 -31.99 21.68
C ARG C 156 -0.08 -31.15 20.48
N ASN C 157 0.75 -30.99 19.43
CA ASN C 157 0.40 -30.23 18.22
C ASN C 157 -0.10 -31.12 17.08
N VAL C 158 -0.55 -32.34 17.36
CA VAL C 158 -1.15 -33.23 16.36
C VAL C 158 -2.54 -33.50 16.90
N LEU C 159 -3.57 -33.32 16.08
CA LEU C 159 -4.95 -33.55 16.48
C LEU C 159 -5.51 -34.81 15.82
N VAL C 160 -6.41 -35.51 16.51
CA VAL C 160 -6.99 -36.77 16.05
C VAL C 160 -8.47 -36.57 15.77
N THR C 161 -8.94 -36.92 14.56
CA THR C 161 -10.34 -36.76 14.19
C THR C 161 -11.20 -37.94 14.68
N GLU C 162 -12.53 -37.80 14.58
CA GLU C 162 -13.49 -38.86 14.88
C GLU C 162 -13.14 -40.18 14.15
N ASP C 163 -12.62 -40.09 12.91
CA ASP C 163 -12.20 -41.24 12.09
C ASP C 163 -10.71 -41.61 12.28
N ASN C 164 -10.08 -41.17 13.39
CA ASN C 164 -8.68 -41.45 13.72
C ASN C 164 -7.67 -40.99 12.67
N VAL C 165 -7.90 -39.83 12.04
CA VAL C 165 -6.97 -39.27 11.07
C VAL C 165 -6.07 -38.30 11.85
N MET C 166 -4.75 -38.42 11.69
CA MET C 166 -3.80 -37.54 12.37
C MET C 166 -3.72 -36.27 11.55
N LYS C 167 -3.81 -35.10 12.21
CA LYS C 167 -3.76 -33.81 11.54
C LYS C 167 -2.81 -32.87 12.29
N ILE C 168 -1.73 -32.45 11.64
CA ILE C 168 -0.77 -31.53 12.25
C ILE C 168 -1.43 -30.16 12.41
N ALA C 169 -1.24 -29.56 13.59
CA ALA C 169 -1.80 -28.25 13.95
C ALA C 169 -0.69 -27.29 14.38
N ASP C 170 -0.96 -25.96 14.44
CA ASP C 170 0.01 -24.97 14.94
C ASP C 170 1.21 -24.73 14.00
N PHE C 171 1.00 -24.74 12.67
CA PHE C 171 2.07 -24.58 11.68
C PHE C 171 2.07 -23.23 10.90
N GLY C 172 0.93 -22.54 10.82
CA GLY C 172 0.83 -21.27 10.10
C GLY C 172 1.38 -20.08 10.84
N LEU C 173 1.22 -20.10 12.17
CA LEU C 173 1.64 -19.09 13.15
C LEU C 173 3.16 -19.08 13.42
N ALA C 174 3.71 -17.91 13.79
CA ALA C 174 5.14 -17.73 14.12
C ALA C 174 5.28 -17.27 15.57
N LEU C 191 7.66 -28.65 28.60
CA LEU C 191 8.96 -28.02 28.36
C LEU C 191 9.29 -28.16 26.87
N PRO C 192 8.93 -27.19 25.99
CA PRO C 192 9.21 -27.36 24.55
C PRO C 192 10.65 -27.66 24.15
N VAL C 193 11.63 -27.35 25.03
CA VAL C 193 13.05 -27.61 24.79
C VAL C 193 13.35 -29.10 24.56
N LYS C 194 12.52 -30.00 25.11
CA LYS C 194 12.71 -31.45 24.95
C LYS C 194 12.41 -31.98 23.54
N TRP C 195 11.84 -31.15 22.66
CA TRP C 195 11.55 -31.48 21.26
C TRP C 195 12.48 -30.73 20.27
N MET C 196 13.27 -29.75 20.75
CA MET C 196 14.14 -28.95 19.89
C MET C 196 15.42 -29.64 19.52
N ALA C 197 15.84 -29.48 18.26
CA ALA C 197 17.12 -30.01 17.79
C ALA C 197 18.25 -29.21 18.46
N PRO C 198 19.47 -29.77 18.65
CA PRO C 198 20.54 -28.98 19.26
C PRO C 198 20.83 -27.66 18.52
N GLU C 199 20.82 -27.66 17.18
CA GLU C 199 21.08 -26.43 16.43
C GLU C 199 19.98 -25.37 16.62
N ALA C 200 18.73 -25.81 16.81
CA ALA C 200 17.62 -24.90 17.08
C ALA C 200 17.70 -24.36 18.51
N LEU C 201 18.08 -25.21 19.46
CA LEU C 201 18.18 -24.84 20.87
C LEU C 201 19.36 -23.90 21.17
N PHE C 202 20.57 -24.27 20.72
CA PHE C 202 21.79 -23.54 21.01
C PHE C 202 22.10 -22.40 20.03
N ASP C 203 21.65 -22.46 18.76
CA ASP C 203 21.94 -21.44 17.74
C ASP C 203 20.70 -20.73 17.16
N ARG C 204 19.46 -21.13 17.56
CA ARG C 204 18.20 -20.62 17.01
C ARG C 204 18.09 -20.86 15.50
N VAL C 205 18.68 -21.97 15.01
CA VAL C 205 18.64 -22.33 13.60
C VAL C 205 17.48 -23.30 13.36
N TYR C 206 16.51 -22.90 12.54
CA TYR C 206 15.36 -23.75 12.23
C TYR C 206 15.33 -24.07 10.75
N THR C 207 15.29 -25.37 10.43
CA THR C 207 15.25 -25.91 9.08
C THR C 207 14.25 -27.10 9.06
N HIS C 208 13.98 -27.68 7.89
CA HIS C 208 13.15 -28.88 7.79
C HIS C 208 13.83 -30.06 8.53
N GLN C 209 15.18 -30.08 8.61
CA GLN C 209 15.91 -31.14 9.30
C GLN C 209 15.83 -31.01 10.82
N SER C 210 15.62 -29.80 11.38
CA SER C 210 15.38 -29.64 12.82
C SER C 210 13.98 -30.17 13.18
N ASP C 211 13.00 -30.06 12.26
CA ASP C 211 11.67 -30.65 12.44
C ASP C 211 11.75 -32.18 12.44
N VAL C 212 12.71 -32.76 11.71
CA VAL C 212 12.95 -34.21 11.66
C VAL C 212 13.39 -34.69 13.04
N TRP C 213 14.23 -33.93 13.75
CA TRP C 213 14.64 -34.25 15.12
C TRP C 213 13.39 -34.30 16.02
N SER C 214 12.52 -33.29 15.92
CA SER C 214 11.27 -33.20 16.69
C SER C 214 10.37 -34.38 16.36
N PHE C 215 10.33 -34.84 15.10
CA PHE C 215 9.57 -36.01 14.69
C PHE C 215 10.08 -37.27 15.40
N GLY C 216 11.39 -37.38 15.61
CA GLY C 216 11.98 -38.49 16.35
C GLY C 216 11.50 -38.53 17.78
N VAL C 217 11.42 -37.35 18.43
CA VAL C 217 10.90 -37.22 19.79
C VAL C 217 9.39 -37.56 19.79
N LEU C 218 8.66 -37.15 18.75
CA LEU C 218 7.24 -37.46 18.58
C LEU C 218 7.04 -38.98 18.43
N LEU C 219 7.95 -39.67 17.71
CA LEU C 219 7.90 -41.13 17.56
C LEU C 219 8.07 -41.80 18.93
N TRP C 220 8.98 -41.29 19.76
CA TRP C 220 9.19 -41.79 21.12
C TRP C 220 7.91 -41.61 21.94
N GLU C 221 7.22 -40.47 21.77
CA GLU C 221 5.94 -40.19 22.43
C GLU C 221 4.88 -41.21 21.98
N ILE C 222 4.83 -41.53 20.68
CA ILE C 222 3.87 -42.50 20.16
C ILE C 222 4.09 -43.89 20.78
N PHE C 223 5.33 -44.41 20.76
CA PHE C 223 5.61 -45.75 21.25
C PHE C 223 5.69 -45.85 22.77
N THR C 224 5.74 -44.73 23.52
CA THR C 224 5.57 -44.74 24.98
C THR C 224 4.08 -44.51 25.36
N LEU C 225 3.17 -44.41 24.36
CA LEU C 225 1.75 -44.15 24.52
C LEU C 225 1.47 -42.85 25.28
N GLY C 226 2.12 -41.78 24.85
CA GLY C 226 1.95 -40.45 25.41
C GLY C 226 2.85 -40.14 26.59
N GLY C 227 4.06 -40.70 26.58
CA GLY C 227 5.01 -40.45 27.66
C GLY C 227 5.75 -39.15 27.44
N SER C 228 6.14 -38.48 28.53
CA SER C 228 6.87 -37.23 28.41
C SER C 228 8.35 -37.51 28.14
N PRO C 229 9.02 -36.82 27.19
CA PRO C 229 10.44 -37.12 26.93
C PRO C 229 11.40 -36.80 28.07
N TYR C 230 12.58 -37.45 28.07
CA TYR C 230 13.65 -37.29 29.07
C TYR C 230 13.09 -37.31 30.50
N PRO C 231 12.50 -38.42 30.96
CA PRO C 231 11.91 -38.43 32.31
C PRO C 231 12.88 -38.17 33.46
N GLY C 232 12.50 -37.26 34.36
CA GLY C 232 13.29 -36.93 35.53
C GLY C 232 14.58 -36.17 35.28
N ILE C 233 14.78 -35.66 34.06
CA ILE C 233 15.99 -34.93 33.70
C ILE C 233 15.69 -33.43 33.68
N PRO C 234 16.30 -32.60 34.55
CA PRO C 234 16.05 -31.15 34.46
C PRO C 234 16.63 -30.56 33.18
N VAL C 235 16.11 -29.41 32.72
CA VAL C 235 16.53 -28.82 31.44
C VAL C 235 18.02 -28.40 31.46
N GLU C 236 18.56 -27.99 32.62
CA GLU C 236 19.97 -27.63 32.74
C GLU C 236 20.89 -28.82 32.42
N GLU C 237 20.48 -30.03 32.83
CA GLU C 237 21.22 -31.27 32.59
C GLU C 237 21.03 -31.75 31.15
N LEU C 238 19.87 -31.45 30.53
CA LEU C 238 19.57 -31.86 29.15
C LEU C 238 20.56 -31.24 28.15
N PHE C 239 20.97 -29.98 28.38
CA PHE C 239 21.92 -29.30 27.50
C PHE C 239 23.24 -30.05 27.42
N LYS C 240 23.78 -30.45 28.58
CA LYS C 240 25.03 -31.18 28.66
C LYS C 240 24.90 -32.60 28.08
N LEU C 241 23.80 -33.30 28.39
CA LEU C 241 23.57 -34.66 27.89
C LEU C 241 23.47 -34.74 26.37
N LEU C 242 22.83 -33.75 25.71
CA LEU C 242 22.73 -33.77 24.25
C LEU C 242 24.07 -33.47 23.59
N LYS C 243 24.89 -32.57 24.16
CA LYS C 243 26.23 -32.31 23.65
C LYS C 243 27.13 -33.53 23.80
N GLU C 244 26.97 -34.28 24.90
CA GLU C 244 27.74 -35.50 25.14
C GLU C 244 27.31 -36.70 24.26
N GLY C 245 26.23 -36.55 23.49
CA GLY C 245 25.73 -37.60 22.59
C GLY C 245 24.74 -38.56 23.20
N HIS C 246 24.13 -38.19 24.34
CA HIS C 246 23.15 -39.05 25.01
C HIS C 246 21.76 -38.86 24.40
N ARG C 247 21.04 -39.98 24.23
CA ARG C 247 19.70 -40.01 23.64
C ARG C 247 18.78 -40.86 24.51
N MET C 248 17.46 -40.71 24.30
CA MET C 248 16.48 -41.48 25.06
C MET C 248 16.59 -42.96 24.72
N ASP C 249 16.33 -43.79 25.73
CA ASP C 249 16.36 -45.25 25.56
C ASP C 249 15.17 -45.72 24.73
N LYS C 250 15.22 -46.98 24.24
CA LYS C 250 14.15 -47.54 23.44
C LYS C 250 12.87 -47.73 24.25
N PRO C 251 11.69 -47.23 23.82
CA PRO C 251 10.46 -47.51 24.59
C PRO C 251 10.19 -49.02 24.74
N ALA C 252 9.47 -49.40 25.79
CA ALA C 252 9.18 -50.80 26.05
C ALA C 252 8.42 -51.51 24.92
N ASN C 253 7.40 -50.88 24.33
CA ASN C 253 6.63 -51.46 23.22
C ASN C 253 7.35 -51.50 21.87
N CYS C 254 8.49 -50.80 21.74
CA CYS C 254 9.13 -50.54 20.47
C CYS C 254 10.02 -51.65 19.90
N THR C 255 9.94 -51.86 18.58
CA THR C 255 10.77 -52.81 17.85
C THR C 255 12.12 -52.16 17.55
N HIS C 256 13.11 -52.95 17.12
CA HIS C 256 14.45 -52.43 16.82
C HIS C 256 14.46 -51.49 15.61
N ASP C 257 13.76 -51.85 14.52
CA ASP C 257 13.68 -51.03 13.32
C ASP C 257 13.14 -49.62 13.58
N LEU C 258 12.09 -49.51 14.41
CA LEU C 258 11.51 -48.21 14.74
C LEU C 258 12.41 -47.39 15.64
N TYR C 259 13.15 -48.05 16.55
CA TYR C 259 14.11 -47.32 17.38
C TYR C 259 15.27 -46.80 16.55
N MET C 260 15.67 -47.54 15.49
CA MET C 260 16.72 -47.08 14.59
C MET C 260 16.25 -45.85 13.80
N ILE C 261 14.94 -45.77 13.47
CA ILE C 261 14.38 -44.60 12.79
C ILE C 261 14.46 -43.40 13.74
N MET C 262 14.12 -43.59 15.03
CA MET C 262 14.21 -42.54 16.05
C MET C 262 15.64 -42.04 16.19
N ARG C 263 16.61 -42.96 16.25
CA ARG C 263 18.02 -42.60 16.42
C ARG C 263 18.59 -41.94 15.18
N GLU C 264 18.07 -42.29 14.00
CA GLU C 264 18.45 -41.68 12.74
C GLU C 264 17.95 -40.21 12.72
N CYS C 265 16.74 -39.94 13.23
CA CYS C 265 16.22 -38.57 13.36
C CYS C 265 17.04 -37.74 14.35
N TRP C 266 17.67 -38.40 15.34
CA TRP C 266 18.47 -37.75 16.37
C TRP C 266 19.97 -37.69 16.07
N HIS C 267 20.38 -37.74 14.79
CA HIS C 267 21.79 -37.53 14.43
C HIS C 267 22.11 -36.06 14.72
N ALA C 268 23.25 -35.75 15.34
CA ALA C 268 23.61 -34.35 15.61
C ALA C 268 23.81 -33.58 14.31
N ALA C 269 24.40 -34.22 13.30
CA ALA C 269 24.62 -33.61 12.00
C ALA C 269 23.26 -33.54 11.26
N PRO C 270 22.65 -32.35 11.05
CA PRO C 270 21.31 -32.32 10.43
C PRO C 270 21.12 -33.00 9.08
N SER C 271 22.09 -32.91 8.15
CA SER C 271 22.00 -33.52 6.83
C SER C 271 22.04 -35.05 6.87
N GLN C 272 22.59 -35.64 7.95
CA GLN C 272 22.59 -37.09 8.10
C GLN C 272 21.26 -37.64 8.64
N ARG C 273 20.36 -36.75 9.10
CA ARG C 273 19.02 -37.16 9.50
C ARG C 273 18.25 -37.45 8.21
N PRO C 274 17.19 -38.29 8.22
CA PRO C 274 16.43 -38.51 6.98
C PRO C 274 15.50 -37.34 6.67
N THR C 275 15.04 -37.25 5.42
CA THR C 275 14.06 -36.24 5.03
C THR C 275 12.67 -36.82 5.39
N PHE C 276 11.63 -35.96 5.40
CA PHE C 276 10.28 -36.46 5.65
C PHE C 276 9.82 -37.41 4.54
N LYS C 277 10.31 -37.26 3.30
CA LYS C 277 10.00 -38.19 2.22
C LYS C 277 10.59 -39.58 2.54
N GLN C 278 11.81 -39.63 3.06
CA GLN C 278 12.46 -40.88 3.45
C GLN C 278 11.75 -41.53 4.65
N LEU C 279 11.29 -40.72 5.61
CA LEU C 279 10.55 -41.24 6.77
C LEU C 279 9.20 -41.84 6.36
N VAL C 280 8.54 -41.26 5.35
CA VAL C 280 7.27 -41.79 4.84
C VAL C 280 7.52 -43.18 4.22
N GLU C 281 8.62 -43.31 3.47
CA GLU C 281 9.02 -44.59 2.84
C GLU C 281 9.40 -45.63 3.89
N ASP C 282 10.15 -45.23 4.93
CA ASP C 282 10.54 -46.13 6.00
C ASP C 282 9.34 -46.64 6.80
N LEU C 283 8.41 -45.74 7.19
CA LEU C 283 7.23 -46.13 7.96
C LEU C 283 6.22 -46.91 7.11
N ASP C 284 6.13 -46.63 5.81
CA ASP C 284 5.26 -47.40 4.92
C ASP C 284 5.78 -48.84 4.80
N ARG C 285 7.11 -49.02 4.80
CA ARG C 285 7.75 -50.33 4.72
C ARG C 285 7.47 -51.13 5.99
N VAL C 286 7.50 -50.47 7.16
CA VAL C 286 7.20 -51.12 8.44
C VAL C 286 5.72 -51.56 8.45
N LEU C 287 4.80 -50.70 7.96
CA LEU C 287 3.38 -51.06 7.87
C LEU C 287 3.11 -52.22 6.93
N THR C 288 3.86 -52.31 5.83
CA THR C 288 3.69 -53.37 4.84
C THR C 288 4.09 -54.73 5.43
N VAL C 289 5.26 -54.79 6.09
CA VAL C 289 5.74 -56.03 6.71
C VAL C 289 4.79 -56.48 7.84
N THR C 290 4.08 -55.55 8.51
CA THR C 290 3.10 -55.89 9.55
C THR C 290 1.66 -55.74 9.04
S SO4 D . 26.78 -15.44 4.11
O1 SO4 D . 25.87 -15.45 5.25
O2 SO4 D . 26.13 -14.75 2.97
O3 SO4 D . 28.02 -14.74 4.48
O4 SO4 D . 27.12 -16.80 3.67
S SO4 E . -19.59 -2.16 -18.15
O1 SO4 E . -20.05 -3.54 -18.00
O2 SO4 E . -20.69 -1.31 -18.64
O3 SO4 E . -19.17 -1.62 -16.84
O4 SO4 E . -18.46 -2.10 -19.10
C4 WIQ F . 11.32 -0.41 -3.01
C14 WIQ F . 10.08 -3.78 0.32
C5 WIQ F . 10.94 -1.36 -2.39
C6 WIQ F . 10.31 -2.43 -1.68
C11 WIQ F . 7.57 -7.43 1.48
C7 WIQ F . 9.16 -2.99 -2.22
C8 WIQ F . 8.46 -3.95 -1.49
C9 WIQ F . 7.13 -5.45 -0.74
C10 WIQ F . 8.10 -6.03 1.47
C12 WIQ F . 9.03 -7.20 1.58
C13 WIQ F . 8.94 -4.33 -0.23
N1 WIQ F . 13.41 -1.61 -4.42
N2 WIQ F . 7.31 -4.67 -1.79
C3 WIQ F . 11.78 0.73 -3.74
N3 WIQ F . 8.07 -5.31 0.23
O1 WIQ F . 14.90 -0.23 -5.39
C1 WIQ F . 13.83 -0.40 -4.79
C2 WIQ F . 12.99 0.77 -4.45
C15 WIQ F . 10.73 -2.78 -0.39
CL1 WIQ F . 12.22 -2.16 0.23
N4 WIQ F . 11.36 2.01 -3.62
N5 WIQ F . 12.16 2.81 -4.39
C16 WIQ F . 11.80 4.19 -4.68
C17 WIQ F . 10.91 4.89 -3.65
N6 WIQ F . 10.12 5.86 -4.42
C18 WIQ F . 9.27 6.80 -3.94
C19 WIQ F . 9.23 6.95 -2.47
C20 WIQ F . 8.22 7.37 -1.74
O2 WIQ F . 8.60 7.51 -4.68
C21 WIQ F . 10.26 5.65 -5.89
C22 WIQ F . 11.05 6.73 -6.59
O3 WIQ F . 10.62 6.79 -7.94
C23 WIQ F . 11.34 7.76 -8.68
C24 WIQ F . 10.96 4.30 -5.96
C25 WIQ F . 13.18 2.07 -4.90
N7 WIQ F . 14.22 2.46 -5.75
C26 WIQ F . 14.53 3.78 -6.26
S SO4 G . 0.33 15.88 -16.42
O1 SO4 G . 0.32 14.41 -16.34
O2 SO4 G . -1.04 16.38 -16.44
O3 SO4 G . 1.04 16.38 -15.23
O4 SO4 G . 1.04 16.34 -17.65
S SO4 H . -11.23 47.72 -17.78
O1 SO4 H . -11.22 47.32 -16.37
O2 SO4 H . -12.51 47.34 -18.39
O3 SO4 H . -10.98 49.18 -17.83
O4 SO4 H . -10.16 47.07 -18.57
S SO4 I . -24.86 43.63 10.26
O1 SO4 I . -26.15 43.04 10.65
O2 SO4 I . -25.05 45.08 10.02
O3 SO4 I . -23.91 43.38 11.35
O4 SO4 I . -24.31 43.07 9.02
C4 WIQ J . -10.96 29.38 -0.74
C14 WIQ J . -9.22 32.36 2.67
C5 WIQ J . -10.48 30.27 -0.12
C6 WIQ J . -9.79 31.30 0.60
C11 WIQ J . -6.60 35.93 3.75
C7 WIQ J . -8.66 31.84 0.00
C8 WIQ J . -7.90 32.75 0.69
C9 WIQ J . -6.46 34.21 1.39
C10 WIQ J . -7.12 34.52 3.71
C12 WIQ J . -8.03 35.67 4.08
C13 WIQ J . -8.20 33.00 2.02
N1 WIQ J . -13.20 30.72 -1.72
N2 WIQ J . -6.78 33.51 0.34
C3 WIQ J . -11.54 28.31 -1.47
N3 WIQ J . -7.28 33.93 2.42
O1 WIQ J . -14.81 29.45 -2.61
C1 WIQ J . -13.68 29.56 -2.14
C2 WIQ J . -12.81 28.36 -2.02
C15 WIQ J . -9.99 31.46 1.97
CL1 WIQ J . -11.39 30.75 2.71
N4 WIQ J . -11.09 27.02 -1.53
N5 WIQ J . -12.00 26.30 -2.26
C16 WIQ J . -11.67 24.95 -2.69
C17 WIQ J . -10.69 24.16 -1.84
N6 WIQ J . -9.97 23.28 -2.78
C18 WIQ J . -9.08 22.30 -2.51
C19 WIQ J . -8.91 21.90 -1.09
C20 WIQ J . -7.79 21.91 -0.46
O2 WIQ J . -8.46 21.69 -3.38
C21 WIQ J . -10.26 23.64 -4.20
C22 WIQ J . -11.12 22.61 -4.90
O3 WIQ J . -10.82 22.68 -6.29
C23 WIQ J . -11.59 21.77 -7.04
C24 WIQ J . -10.96 24.98 -4.05
C25 WIQ J . -13.06 27.09 -2.56
N7 WIQ J . -14.21 26.79 -3.29
C26 WIQ J . -14.58 25.51 -3.87
S SO4 K . -9.50 -38.51 23.99
O1 SO4 K . -10.34 -39.52 24.62
O2 SO4 K . -10.32 -37.34 23.62
O3 SO4 K . -8.45 -38.01 24.90
O4 SO4 K . -8.89 -39.09 22.77
S SO4 L . -12.41 -44.80 24.91
O1 SO4 L . -13.82 -44.69 25.31
O2 SO4 L . -11.76 -43.49 24.92
O3 SO4 L . -11.69 -45.73 25.81
O4 SO4 L . -12.42 -45.36 23.55
C1 EDO M . -12.09 -23.52 -1.38
O1 EDO M . -11.87 -22.24 -1.98
C2 EDO M . -12.83 -23.36 -0.07
O2 EDO M . -14.08 -22.72 -0.27
C4 WIQ N . -7.48 -26.72 17.45
C14 WIQ N . -6.32 -22.78 14.82
C5 WIQ N . -7.09 -25.93 16.62
C6 WIQ N . -6.45 -25.00 15.75
C11 WIQ N . -3.62 -20.77 11.69
C7 WIQ N . -5.16 -25.30 15.29
C8 WIQ N . -4.49 -24.35 14.54
C9 WIQ N . -3.09 -23.25 13.33
C10 WIQ N . -4.27 -21.07 13.00
C12 WIQ N . -5.10 -20.86 11.77
C13 WIQ N . -5.06 -23.10 14.32
N1 WIQ N . -9.30 -28.08 15.83
N2 WIQ N . -3.24 -24.42 13.92
C3 WIQ N . -8.01 -27.62 18.39
N3 WIQ N . -4.16 -22.41 13.52
O1 WIQ N . -10.79 -29.41 16.86
C1 WIQ N . -9.79 -28.68 16.91
C2 WIQ N . -9.10 -28.45 18.19
C15 WIQ N . -6.96 -23.71 15.60
CL1 WIQ N . -8.57 -23.35 16.11
N4 WIQ N . -7.70 -27.69 19.73
N5 WIQ N . -8.46 -28.66 20.31
C16 WIQ N . -8.21 -29.11 21.68
C17 WIQ N . -7.52 -28.11 22.61
N6 WIQ N . -6.69 -28.94 23.50
C18 WIQ N . -5.97 -28.47 24.55
C19 WIQ N . -6.13 -27.03 24.89
C20 WIQ N . -5.31 -26.22 25.49
O2 WIQ N . -5.24 -29.24 25.19
C21 WIQ N . -6.63 -30.36 23.07
C22 WIQ N . -7.43 -31.30 23.95
O3 WIQ N . -6.86 -32.59 23.85
C23 WIQ N . -7.57 -33.53 24.62
C24 WIQ N . -7.21 -30.29 21.66
C25 WIQ N . -9.36 -29.14 19.39
N7 WIQ N . -10.34 -30.13 19.54
C26 WIQ N . -10.70 -30.88 20.73
#